data_8PXB
#
_entry.id   8PXB
#
_cell.length_a   1.00
_cell.length_b   1.00
_cell.length_c   1.00
_cell.angle_alpha   90.00
_cell.angle_beta   90.00
_cell.angle_gamma   90.00
#
_symmetry.space_group_name_H-M   'P 1'
#
_entity_poly.entity_id   1
_entity_poly.type   'polypeptide(L)'
_entity_poly.pdbx_seq_one_letter_code
;MSEKDEYQFQHQGAVELLVFNFLLILTILTIWLFKNHRFRFLHETGGAMVYGLIMGLILRYATAPTDIESGTVYDCGKLA
FSPSTLLINITDQVYEYKYKREISQHNINPHLGNAILEKMTFDPEIFFNVLLPPIIFHAGYSLKKRHFFQNLGSILTYAF
LGTAISCIVIGLIMYGFVKAMVYAGQLKNGDFHFTDCLFFGSLMSATDPVTVLAIFHELHVDPDLYTLLFGESVLNDAVA
IVLTYSISIYSPKENPNAFDAAAFFQSVGNFLGIFAGSFAMGSAYAVVTALLTKFTKLCEFPMLETGLFFLLSWSAFLSA
EAAGLTGIVAVLFCGVTQAHYTYNNLSLDSKMRTKQLFEFMNFLAENVIFCYMGLALFTFQNHIFNALFILGAFLAIFVA
RACNIYPLSFLLNLGRKHKIPWNFQHMMMFSGLRGAIAFALAIRDTESQPKQMMFSTTLLLVFFTVWVFGGGTTPMLTWL
QIRVGVDLDEDLKERPSSHQEANNLEKSTTKTESAWLFRMWYGFDHKYLKPILTHSGPPLTTTLPEWCGPISRLLTSPQA
YGEQLKEGENLYFQ
;
_entity_poly.pdbx_strand_id   B,A
#
# COMPACT_ATOMS: atom_id res chain seq x y z
N GLN A 10 12.15 0.19 -17.14
CA GLN A 10 11.83 0.28 -15.72
C GLN A 10 13.02 -0.17 -14.89
N HIS A 11 12.77 -1.14 -13.99
CA HIS A 11 13.81 -1.71 -13.12
C HIS A 11 14.50 -0.64 -12.27
N GLN A 12 13.71 0.28 -11.72
CA GLN A 12 14.22 1.33 -10.86
C GLN A 12 13.79 1.13 -9.41
N GLY A 13 12.48 1.03 -9.16
CA GLY A 13 12.01 0.81 -7.81
C GLY A 13 12.04 -0.66 -7.40
N ALA A 14 12.06 -1.56 -8.37
CA ALA A 14 12.10 -2.98 -8.06
C ALA A 14 13.38 -3.35 -7.33
N VAL A 15 14.51 -2.79 -7.75
CA VAL A 15 15.79 -3.13 -7.13
C VAL A 15 15.82 -2.67 -5.68
N GLU A 16 15.40 -1.43 -5.42
CA GLU A 16 15.44 -0.92 -4.06
C GLU A 16 14.43 -1.64 -3.17
N LEU A 17 13.25 -1.96 -3.71
CA LEU A 17 12.28 -2.71 -2.92
C LEU A 17 12.79 -4.12 -2.60
N LEU A 18 13.47 -4.75 -3.56
CA LEU A 18 14.06 -6.06 -3.30
C LEU A 18 15.16 -5.98 -2.25
N VAL A 19 15.96 -4.91 -2.30
CA VAL A 19 17.00 -4.72 -1.27
C VAL A 19 16.37 -4.54 0.10
N PHE A 20 15.30 -3.76 0.19
CA PHE A 20 14.60 -3.58 1.46
C PHE A 20 14.04 -4.90 1.97
N ASN A 21 13.43 -5.69 1.08
CA ASN A 21 12.89 -6.98 1.48
C ASN A 21 13.99 -7.92 1.96
N PHE A 22 15.13 -7.94 1.26
CA PHE A 22 16.25 -8.78 1.67
C PHE A 22 16.79 -8.36 3.02
N LEU A 23 16.89 -7.06 3.27
CA LEU A 23 17.33 -6.57 4.58
C LEU A 23 16.36 -6.98 5.66
N LEU A 24 15.06 -6.89 5.40
CA LEU A 24 14.06 -7.31 6.39
C LEU A 24 14.16 -8.80 6.67
N ILE A 25 14.36 -9.61 5.64
CA ILE A 25 14.52 -11.06 5.82
C ILE A 25 15.75 -11.36 6.67
N LEU A 26 16.86 -10.69 6.37
CA LEU A 26 18.07 -10.89 7.17
C LEU A 26 17.87 -10.47 8.61
N THR A 27 17.15 -9.36 8.84
CA THR A 27 16.87 -8.91 10.19
C THR A 27 16.03 -9.94 10.95
N ILE A 28 15.01 -10.49 10.28
CA ILE A 28 14.16 -11.50 10.92
C ILE A 28 14.98 -12.74 11.25
N LEU A 29 15.84 -13.17 10.33
CA LEU A 29 16.67 -14.35 10.58
C LEU A 29 17.63 -14.12 11.75
N THR A 30 18.25 -12.93 11.81
CA THR A 30 19.15 -12.63 12.91
C THR A 30 18.42 -12.54 14.24
N ILE A 31 17.20 -11.98 14.24
CA ILE A 31 16.42 -11.93 15.47
C ILE A 31 16.06 -13.33 15.94
N TRP A 32 15.68 -14.21 15.00
CA TRP A 32 15.39 -15.59 15.37
C TRP A 32 16.63 -16.28 15.93
N LEU A 33 17.79 -16.04 15.31
CA LEU A 33 19.03 -16.64 15.82
C LEU A 33 19.35 -16.14 17.22
N PHE A 34 19.19 -14.84 17.46
CA PHE A 34 19.46 -14.29 18.79
C PHE A 34 18.50 -14.83 19.83
N LYS A 35 17.22 -14.95 19.49
CA LYS A 35 16.23 -15.48 20.43
C LYS A 35 16.42 -16.97 20.67
N ASN A 36 16.97 -17.71 19.70
CA ASN A 36 17.23 -19.13 19.91
C ASN A 36 18.27 -19.34 21.01
N HIS A 37 19.32 -18.52 21.03
CA HIS A 37 20.36 -18.62 22.04
C HIS A 37 20.07 -17.78 23.28
N ARG A 38 18.96 -17.02 23.28
CA ARG A 38 18.54 -16.22 24.42
C ARG A 38 19.61 -15.19 24.82
N PHE A 39 20.37 -14.70 23.83
CA PHE A 39 21.39 -13.70 24.12
C PHE A 39 20.77 -12.35 24.45
N ARG A 40 19.67 -12.00 23.79
CA ARG A 40 18.97 -10.72 23.98
C ARG A 40 19.96 -9.60 23.69
N PHE A 41 19.92 -8.50 24.44
CA PHE A 41 20.79 -7.33 24.27
C PHE A 41 20.62 -6.65 22.92
N LEU A 42 19.58 -7.01 22.17
CA LEU A 42 19.33 -6.43 20.86
C LEU A 42 17.89 -6.72 20.46
N HIS A 43 17.22 -5.71 19.93
CA HIS A 43 15.83 -5.82 19.50
C HIS A 43 15.75 -5.83 17.98
N GLU A 44 14.58 -6.18 17.46
CA GLU A 44 14.40 -6.21 16.01
C GLU A 44 14.57 -4.82 15.40
N THR A 45 14.17 -3.77 16.11
CA THR A 45 14.40 -2.41 15.63
C THR A 45 15.90 -2.13 15.53
N GLY A 46 16.65 -2.51 16.57
CA GLY A 46 18.09 -2.31 16.54
C GLY A 46 18.76 -3.12 15.46
N GLY A 47 18.30 -4.36 15.25
CA GLY A 47 18.84 -5.17 14.18
C GLY A 47 18.57 -4.58 12.81
N ALA A 48 17.36 -4.07 12.60
CA ALA A 48 17.04 -3.42 11.33
C ALA A 48 17.89 -2.18 11.11
N MET A 49 18.08 -1.38 12.16
CA MET A 49 18.88 -0.16 12.03
C MET A 49 20.34 -0.49 11.74
N VAL A 50 20.90 -1.49 12.42
CA VAL A 50 22.30 -1.83 12.18
C VAL A 50 22.47 -2.45 10.80
N TYR A 51 21.50 -3.25 10.34
CA TYR A 51 21.58 -3.79 8.98
C TYR A 51 21.50 -2.68 7.95
N GLY A 52 20.62 -1.69 8.17
CA GLY A 52 20.57 -0.55 7.27
C GLY A 52 21.87 0.24 7.24
N LEU A 53 22.48 0.42 8.42
CA LEU A 53 23.76 1.11 8.48
C LEU A 53 24.84 0.35 7.72
N ILE A 54 24.87 -0.98 7.88
CA ILE A 54 25.85 -1.79 7.16
C ILE A 54 25.63 -1.70 5.66
N MET A 55 24.36 -1.76 5.23
CA MET A 55 24.05 -1.65 3.80
C MET A 55 24.48 -0.29 3.25
N GLY A 56 24.20 0.78 3.99
CA GLY A 56 24.63 2.09 3.55
C GLY A 56 26.13 2.22 3.48
N LEU A 57 26.84 1.66 4.47
CA LEU A 57 28.30 1.72 4.46
C LEU A 57 28.89 0.97 3.28
N ILE A 58 28.35 -0.22 2.97
CA ILE A 58 28.88 -1.00 1.86
C ILE A 58 28.44 -0.45 0.51
N LEU A 59 27.34 0.30 0.46
CA LEU A 59 26.90 0.91 -0.79
C LEU A 59 27.64 2.22 -1.09
N ARG A 60 27.98 2.98 -0.04
CA ARG A 60 28.66 4.26 -0.25
C ARG A 60 30.03 4.08 -0.87
N TYR A 61 30.78 3.07 -0.42
CA TYR A 61 32.16 2.86 -0.86
C TYR A 61 32.31 1.62 -1.73
N ALA A 62 31.36 1.40 -2.65
CA ALA A 62 31.41 0.26 -3.56
C ALA A 62 31.88 0.66 -4.95
N THR A 63 31.21 1.63 -5.58
CA THR A 63 31.59 2.08 -6.91
C THR A 63 31.72 3.60 -6.95
N ALA A 64 32.45 4.17 -5.98
CA ALA A 64 32.61 5.62 -5.93
C ALA A 64 33.26 6.19 -7.18
N PRO A 65 34.36 5.63 -7.72
CA PRO A 65 34.92 6.19 -8.96
C PRO A 65 34.02 5.94 -10.16
N THR A 66 33.43 7.00 -10.70
CA THR A 66 32.55 6.90 -11.86
C THR A 66 32.58 8.22 -12.61
N ASP A 67 31.72 8.34 -13.62
CA ASP A 67 31.65 9.54 -14.43
C ASP A 67 30.92 10.65 -13.68
N ILE A 68 31.03 11.87 -14.19
CA ILE A 68 30.39 13.05 -13.62
C ILE A 68 29.22 13.42 -14.51
N GLU A 69 28.02 13.48 -13.92
CA GLU A 69 26.81 13.84 -14.65
C GLU A 69 26.32 15.19 -14.14
N SER A 70 26.16 16.14 -15.06
CA SER A 70 25.68 17.48 -14.74
C SER A 70 24.49 17.80 -15.65
N GLY A 71 23.41 18.28 -15.04
CA GLY A 71 22.24 18.63 -15.80
C GLY A 71 22.43 19.90 -16.62
N THR A 72 21.82 19.90 -17.80
CA THR A 72 21.90 21.05 -18.69
C THR A 72 21.04 22.20 -18.15
N VAL A 73 21.47 23.43 -18.46
CA VAL A 73 20.82 24.64 -17.99
C VAL A 73 20.24 25.37 -19.20
N TYR A 74 18.96 25.73 -19.12
CA TYR A 74 18.27 26.45 -20.17
C TYR A 74 17.85 27.82 -19.66
N ASP A 75 18.06 28.85 -20.46
CA ASP A 75 17.70 30.22 -20.11
C ASP A 75 16.24 30.43 -20.52
N CYS A 76 15.32 30.12 -19.61
CA CYS A 76 13.89 30.25 -19.86
C CYS A 76 13.48 31.70 -19.58
N GLY A 77 13.29 32.46 -20.65
CA GLY A 77 12.90 33.85 -20.50
C GLY A 77 11.48 34.00 -19.99
N LYS A 78 11.23 35.17 -19.39
CA LYS A 78 9.90 35.51 -18.85
C LYS A 78 9.43 34.47 -17.83
N LEU A 79 10.35 34.01 -16.98
CA LEU A 79 10.05 32.98 -15.98
C LEU A 79 10.48 33.53 -14.62
N ALA A 80 9.54 34.17 -13.92
CA ALA A 80 9.79 34.74 -12.60
C ALA A 80 9.20 33.89 -11.47
N PHE A 81 8.53 32.79 -11.79
CA PHE A 81 7.93 31.93 -10.79
C PHE A 81 8.09 30.48 -11.21
N SER A 82 8.02 29.58 -10.23
CA SER A 82 8.16 28.15 -10.45
C SER A 82 6.86 27.46 -10.05
N PRO A 83 5.95 27.25 -10.99
CA PRO A 83 4.69 26.56 -10.65
C PRO A 83 4.90 25.08 -10.43
N SER A 84 3.98 24.47 -9.68
CA SER A 84 4.06 23.03 -9.44
C SER A 84 3.84 22.25 -10.73
N THR A 85 2.88 22.67 -11.55
CA THR A 85 2.61 22.03 -12.84
C THR A 85 2.89 23.03 -13.95
N LEU A 86 3.49 22.54 -15.04
CA LEU A 86 3.84 23.41 -16.15
C LEU A 86 3.61 22.67 -17.46
N LEU A 87 3.35 23.44 -18.52
CA LEU A 87 3.10 22.91 -19.85
C LEU A 87 4.15 23.47 -20.81
N ILE A 88 4.93 22.59 -21.42
CA ILE A 88 6.00 22.98 -22.34
C ILE A 88 5.63 22.53 -23.75
N ASN A 89 5.70 23.45 -24.70
CA ASN A 89 5.35 23.16 -26.10
C ASN A 89 6.63 22.86 -26.87
N ILE A 90 6.86 21.59 -27.17
CA ILE A 90 8.00 21.13 -27.95
C ILE A 90 7.47 20.37 -29.16
N THR A 91 7.97 20.72 -30.35
CA THR A 91 7.58 20.06 -31.59
C THR A 91 6.06 20.06 -31.78
N ASP A 92 5.43 21.20 -31.48
CA ASP A 92 3.99 21.40 -31.62
C ASP A 92 3.21 20.42 -30.75
N GLN A 93 3.82 19.92 -29.69
CA GLN A 93 3.17 19.02 -28.75
C GLN A 93 3.41 19.52 -27.34
N VAL A 94 2.36 19.50 -26.51
CA VAL A 94 2.43 20.02 -25.15
C VAL A 94 2.71 18.87 -24.20
N TYR A 95 3.73 19.02 -23.37
CA TYR A 95 4.13 18.03 -22.38
C TYR A 95 3.94 18.62 -20.99
N GLU A 96 3.46 17.80 -20.05
CA GLU A 96 3.23 18.23 -18.68
C GLU A 96 4.46 17.91 -17.84
N TYR A 97 4.93 18.90 -17.09
CA TYR A 97 6.06 18.74 -16.17
C TYR A 97 5.60 19.07 -14.75
N LYS A 98 6.09 18.29 -13.80
CA LYS A 98 5.69 18.39 -12.39
C LYS A 98 6.89 18.78 -11.54
N TYR A 99 6.68 19.72 -10.63
CA TYR A 99 7.75 20.12 -9.71
C TYR A 99 7.77 19.19 -8.51
N LYS A 100 8.92 18.55 -8.27
CA LYS A 100 9.07 17.58 -7.20
C LYS A 100 9.87 18.13 -6.02
N ARG A 101 11.14 18.45 -6.23
CA ARG A 101 12.01 18.88 -5.15
C ARG A 101 12.98 19.95 -5.65
N GLU A 102 13.55 20.69 -4.71
CA GLU A 102 14.55 21.71 -5.01
C GLU A 102 15.93 21.19 -4.59
N ILE A 103 16.88 21.25 -5.51
CA ILE A 103 18.26 20.86 -5.26
C ILE A 103 19.15 22.04 -5.62
N SER A 104 19.61 22.77 -4.60
CA SER A 104 20.36 24.01 -4.79
C SER A 104 21.85 23.79 -4.56
N GLN A 105 22.37 22.65 -4.99
CA GLN A 105 23.76 22.29 -4.75
C GLN A 105 24.53 22.14 -6.07
N HIS A 106 24.33 23.08 -6.99
CA HIS A 106 25.03 23.03 -8.28
C HIS A 106 26.54 23.14 -8.11
N ASN A 107 27.00 23.78 -7.03
CA ASN A 107 28.43 23.88 -6.78
C ASN A 107 29.05 22.51 -6.51
N ILE A 108 28.34 21.65 -5.79
CA ILE A 108 28.85 20.34 -5.42
C ILE A 108 28.26 19.28 -6.35
N ASN A 109 27.59 19.74 -7.40
CA ASN A 109 26.99 18.81 -8.37
C ASN A 109 27.98 17.81 -8.96
N PRO A 110 29.21 18.18 -9.35
CA PRO A 110 30.15 17.15 -9.80
C PRO A 110 30.45 16.10 -8.75
N HIS A 111 30.50 16.49 -7.47
CA HIS A 111 30.69 15.51 -6.41
C HIS A 111 29.45 14.64 -6.22
N LEU A 112 28.26 15.25 -6.37
CA LEU A 112 27.02 14.47 -6.27
C LEU A 112 26.91 13.44 -7.38
N GLY A 113 27.34 13.79 -8.59
CA GLY A 113 27.30 12.83 -9.68
C GLY A 113 28.16 11.60 -9.42
N ASN A 114 29.34 11.80 -8.83
CA ASN A 114 30.19 10.70 -8.44
C ASN A 114 29.56 9.92 -7.29
N ALA A 115 29.68 8.59 -7.35
CA ALA A 115 29.12 7.70 -6.34
C ALA A 115 27.62 7.91 -6.18
N ILE A 116 26.93 8.15 -7.30
CA ILE A 116 25.48 8.35 -7.25
C ILE A 116 24.78 7.08 -6.79
N LEU A 117 25.18 5.92 -7.34
CA LEU A 117 24.60 4.63 -7.00
C LEU A 117 23.09 4.65 -7.14
N GLU A 118 22.39 4.42 -6.03
CA GLU A 118 20.93 4.48 -5.98
C GLU A 118 20.51 5.47 -4.90
N LYS A 119 19.63 6.40 -5.25
CA LYS A 119 19.18 7.39 -4.28
C LYS A 119 18.42 6.74 -3.13
N MET A 120 17.54 5.80 -3.44
CA MET A 120 16.74 5.07 -2.45
C MET A 120 15.99 5.99 -1.51
N THR A 121 15.67 7.21 -1.96
CA THR A 121 14.99 8.17 -1.12
C THR A 121 13.48 7.92 -1.14
N PHE A 122 12.84 8.30 -0.04
CA PHE A 122 11.39 8.21 0.10
C PHE A 122 10.81 9.60 0.30
N ASP A 123 9.59 9.80 -0.20
CA ASP A 123 8.92 11.07 -0.01
C ASP A 123 8.62 11.28 1.48
N PRO A 124 8.82 12.50 1.99
CA PRO A 124 8.57 12.73 3.43
C PRO A 124 7.13 12.48 3.85
N GLU A 125 6.16 12.64 2.94
CA GLU A 125 4.78 12.40 3.29
C GLU A 125 4.43 10.92 3.33
N ILE A 126 5.31 10.04 2.84
CA ILE A 126 5.08 8.60 2.94
C ILE A 126 5.05 8.16 4.40
N PHE A 127 5.96 8.67 5.21
CA PHE A 127 6.00 8.31 6.62
C PHE A 127 4.78 8.79 7.39
N PHE A 128 4.09 9.83 6.91
CA PHE A 128 2.93 10.39 7.58
C PHE A 128 1.61 9.86 7.05
N ASN A 129 1.58 9.38 5.81
CA ASN A 129 0.32 8.98 5.18
C ASN A 129 0.08 7.47 5.19
N VAL A 130 1.13 6.65 5.13
CA VAL A 130 0.95 5.21 5.00
C VAL A 130 1.72 4.41 6.04
N LEU A 131 2.71 4.96 6.73
CA LEU A 131 3.52 4.20 7.67
C LEU A 131 3.15 4.46 9.12
N LEU A 132 3.15 5.74 9.54
CA LEU A 132 2.78 6.05 10.92
C LEU A 132 1.32 5.73 11.23
N PRO A 133 0.32 6.09 10.42
CA PRO A 133 -1.08 5.88 10.81
C PRO A 133 -1.39 4.43 11.17
N PRO A 134 -0.87 3.43 10.44
CA PRO A 134 -1.09 2.04 10.90
C PRO A 134 -0.55 1.78 12.30
N ILE A 135 0.64 2.29 12.60
CA ILE A 135 1.23 2.08 13.92
C ILE A 135 0.38 2.78 14.99
N ILE A 136 -0.07 4.00 14.70
CA ILE A 136 -0.89 4.74 15.66
C ILE A 136 -2.20 4.02 15.91
N PHE A 137 -2.84 3.52 14.85
CA PHE A 137 -4.11 2.81 15.00
C PHE A 137 -3.91 1.51 15.78
N HIS A 138 -2.81 0.79 15.52
CA HIS A 138 -2.53 -0.43 16.27
C HIS A 138 -2.30 -0.12 17.74
N ALA A 139 -1.55 0.94 18.05
CA ALA A 139 -1.31 1.31 19.43
C ALA A 139 -2.61 1.70 20.13
N GLY A 140 -3.46 2.46 19.45
CA GLY A 140 -4.73 2.85 20.05
C GLY A 140 -5.67 1.69 20.26
N TYR A 141 -5.74 0.77 19.29
CA TYR A 141 -6.66 -0.35 19.40
C TYR A 141 -6.20 -1.35 20.45
N SER A 142 -4.89 -1.51 20.61
CA SER A 142 -4.33 -2.51 21.54
C SER A 142 -4.32 -1.93 22.96
N LEU A 143 -5.52 -1.87 23.54
CA LEU A 143 -5.70 -1.45 24.92
C LEU A 143 -6.06 -2.68 25.76
N LYS A 144 -5.39 -2.83 26.91
CA LYS A 144 -5.62 -3.98 27.75
C LYS A 144 -7.04 -4.00 28.32
N LYS A 145 -7.67 -2.83 28.42
CA LYS A 145 -9.03 -2.66 28.95
C LYS A 145 -9.09 -2.99 30.44
N ARG A 146 -7.96 -3.38 31.03
CA ARG A 146 -7.83 -3.56 32.46
C ARG A 146 -6.77 -2.60 32.98
N HIS A 147 -7.02 -2.06 34.17
CA HIS A 147 -6.20 -0.98 34.74
C HIS A 147 -6.26 0.20 33.76
N PHE A 148 -5.24 1.05 33.77
CA PHE A 148 -5.11 2.16 32.81
C PHE A 148 -6.18 3.22 33.05
N PHE A 149 -7.08 2.97 34.00
CA PHE A 149 -8.16 3.90 34.33
C PHE A 149 -7.99 4.53 35.70
N GLN A 150 -7.50 3.77 36.68
CA GLN A 150 -7.16 4.35 37.98
C GLN A 150 -5.97 5.28 37.89
N ASN A 151 -5.11 5.11 36.89
CA ASN A 151 -3.95 5.98 36.69
C ASN A 151 -4.07 6.78 35.39
N LEU A 152 -5.28 6.84 34.81
CA LEU A 152 -5.48 7.60 33.58
C LEU A 152 -5.21 9.08 33.80
N GLY A 153 -5.65 9.62 34.93
CA GLY A 153 -5.39 11.02 35.23
C GLY A 153 -3.90 11.32 35.31
N SER A 154 -3.14 10.42 35.94
CA SER A 154 -1.69 10.59 36.02
C SER A 154 -1.06 10.57 34.63
N ILE A 155 -1.51 9.66 33.76
CA ILE A 155 -0.99 9.58 32.41
C ILE A 155 -1.28 10.87 31.65
N LEU A 156 -2.50 11.38 31.77
CA LEU A 156 -2.86 12.63 31.09
C LEU A 156 -2.02 13.79 31.61
N THR A 157 -1.87 13.89 32.94
CA THR A 157 -1.09 14.99 33.50
C THR A 157 0.36 14.92 33.02
N TYR A 158 0.95 13.73 33.02
CA TYR A 158 2.29 13.56 32.48
C TYR A 158 2.35 14.02 31.02
N ALA A 159 1.57 13.36 30.16
CA ALA A 159 1.67 13.60 28.72
C ALA A 159 1.33 15.03 28.34
N PHE A 160 0.64 15.77 29.20
CA PHE A 160 0.35 17.17 28.89
C PHE A 160 1.41 18.10 29.47
N LEU A 161 1.62 18.07 30.80
CA LEU A 161 2.51 19.04 31.42
C LEU A 161 3.97 18.75 31.11
N GLY A 162 4.40 17.50 31.24
CA GLY A 162 5.80 17.18 31.08
C GLY A 162 6.33 17.41 29.68
N THR A 163 5.49 17.17 28.67
CA THR A 163 5.91 17.43 27.29
C THR A 163 6.22 18.91 27.09
N ALA A 164 5.34 19.78 27.56
CA ALA A 164 5.56 21.21 27.44
C ALA A 164 6.78 21.65 28.25
N ILE A 165 6.94 21.09 29.46
CA ILE A 165 8.08 21.46 30.30
C ILE A 165 9.39 21.06 29.62
N SER A 166 9.44 19.85 29.07
CA SER A 166 10.64 19.38 28.39
C SER A 166 10.92 20.22 27.15
N CYS A 167 9.87 20.57 26.39
CA CYS A 167 10.05 21.42 25.22
C CYS A 167 10.64 22.77 25.61
N ILE A 168 10.11 23.38 26.67
CA ILE A 168 10.61 24.68 27.11
C ILE A 168 12.06 24.58 27.56
N VAL A 169 12.38 23.54 28.34
CA VAL A 169 13.74 23.39 28.85
C VAL A 169 14.73 23.18 27.69
N ILE A 170 14.36 22.32 26.75
CA ILE A 170 15.22 22.05 25.60
C ILE A 170 15.41 23.31 24.77
N GLY A 171 14.32 24.06 24.55
CA GLY A 171 14.44 25.30 23.79
C GLY A 171 15.37 26.31 24.46
N LEU A 172 15.21 26.48 25.78
CA LEU A 172 16.07 27.41 26.50
C LEU A 172 17.53 26.99 26.46
N ILE A 173 17.80 25.69 26.64
CA ILE A 173 19.18 25.23 26.65
C ILE A 173 19.80 25.33 25.26
N MET A 174 19.02 25.03 24.22
CA MET A 174 19.54 25.18 22.87
C MET A 174 19.78 26.64 22.52
N TYR A 175 18.93 27.55 22.98
CA TYR A 175 19.19 28.97 22.77
C TYR A 175 20.46 29.41 23.48
N GLY A 176 20.67 28.92 24.72
CA GLY A 176 21.90 29.24 25.43
C GLY A 176 23.13 28.71 24.72
N PHE A 177 23.05 27.48 24.20
CA PHE A 177 24.19 26.91 23.48
C PHE A 177 24.43 27.63 22.16
N VAL A 178 23.36 28.10 21.50
CA VAL A 178 23.54 28.91 20.30
C VAL A 178 24.23 30.23 20.64
N LYS A 179 23.85 30.85 21.76
CA LYS A 179 24.54 32.06 22.20
C LYS A 179 26.01 31.79 22.50
N ALA A 180 26.30 30.65 23.15
CA ALA A 180 27.69 30.29 23.42
C ALA A 180 28.47 30.07 22.13
N MET A 181 27.84 29.43 21.14
CA MET A 181 28.49 29.23 19.83
C MET A 181 28.76 30.56 19.15
N VAL A 182 27.79 31.48 19.22
CA VAL A 182 27.99 32.82 18.65
C VAL A 182 29.15 33.51 19.33
N TYR A 183 29.26 33.37 20.65
CA TYR A 183 30.45 33.86 21.36
C TYR A 183 31.72 33.21 20.82
N ALA A 184 31.67 31.91 20.57
CA ALA A 184 32.81 31.23 19.95
C ALA A 184 32.95 31.59 18.48
N GLY A 185 31.87 32.06 17.85
CA GLY A 185 31.91 32.47 16.46
C GLY A 185 32.16 31.36 15.46
N GLN A 186 31.49 30.20 15.62
CA GLN A 186 31.64 29.13 14.65
C GLN A 186 31.14 29.53 13.28
N LEU A 187 29.98 30.20 13.22
CA LEU A 187 29.40 30.63 11.95
C LEU A 187 28.71 31.97 12.18
N LYS A 188 27.91 32.39 11.20
CA LYS A 188 27.25 33.68 11.26
C LYS A 188 26.23 33.71 12.39
N ASN A 189 26.08 34.88 13.00
CA ASN A 189 25.10 35.10 14.06
C ASN A 189 23.85 35.74 13.49
N GLY A 190 22.70 35.20 13.85
CA GLY A 190 21.43 35.74 13.39
C GLY A 190 20.54 34.72 12.73
N ASP A 191 21.15 33.68 12.13
CA ASP A 191 20.37 32.65 11.45
C ASP A 191 19.50 31.88 12.43
N PHE A 192 20.05 31.52 13.58
CA PHE A 192 19.26 30.81 14.59
C PHE A 192 18.32 31.76 15.32
N HIS A 193 17.22 31.21 15.80
CA HIS A 193 16.21 31.99 16.51
C HIS A 193 15.57 31.12 17.58
N PHE A 194 14.89 31.79 18.52
CA PHE A 194 14.22 31.08 19.60
C PHE A 194 13.09 30.20 19.07
N THR A 195 12.49 30.58 17.95
CA THR A 195 11.46 29.74 17.35
C THR A 195 12.03 28.40 16.90
N ASP A 196 13.25 28.41 16.35
CA ASP A 196 13.90 27.16 15.97
C ASP A 196 14.18 26.30 17.20
N CYS A 197 14.58 26.92 18.31
CA CYS A 197 14.79 26.18 19.54
C CYS A 197 13.51 25.54 20.04
N LEU A 198 12.40 26.29 19.98
CA LEU A 198 11.11 25.73 20.38
C LEU A 198 10.70 24.58 19.46
N PHE A 199 10.95 24.72 18.16
CA PHE A 199 10.65 23.66 17.21
C PHE A 199 11.45 22.41 17.53
N PHE A 200 12.75 22.57 17.83
CA PHE A 200 13.58 21.43 18.18
C PHE A 200 13.11 20.78 19.48
N GLY A 201 12.73 21.60 20.47
CA GLY A 201 12.23 21.04 21.72
C GLY A 201 10.95 20.27 21.54
N SER A 202 10.03 20.79 20.71
CA SER A 202 8.81 20.06 20.42
C SER A 202 9.09 18.76 19.68
N LEU A 203 10.04 18.80 18.73
CA LEU A 203 10.40 17.60 17.99
C LEU A 203 11.00 16.54 18.91
N MET A 204 11.87 16.94 19.83
CA MET A 204 12.49 16.01 20.78
C MET A 204 11.65 15.87 22.04
N SER A 205 10.38 15.50 21.87
CA SER A 205 9.49 15.27 22.99
C SER A 205 8.66 13.99 22.87
N ALA A 206 8.64 13.35 21.70
CA ALA A 206 7.90 12.11 21.50
C ALA A 206 8.80 10.93 21.83
N THR A 207 8.34 10.06 22.72
CA THR A 207 9.08 8.89 23.13
C THR A 207 8.32 7.63 22.76
N ASP A 208 9.01 6.68 22.12
CA ASP A 208 8.44 5.39 21.74
C ASP A 208 9.37 4.29 22.22
N PRO A 209 9.32 3.94 23.50
CA PRO A 209 10.17 2.84 24.02
C PRO A 209 9.64 1.48 23.61
N VAL A 210 9.68 1.21 22.30
CA VAL A 210 9.15 -0.05 21.77
C VAL A 210 9.96 -1.23 22.31
N THR A 211 11.28 -1.10 22.33
CA THR A 211 12.11 -2.17 22.89
C THR A 211 11.84 -2.36 24.38
N VAL A 212 11.69 -1.25 25.11
CA VAL A 212 11.40 -1.33 26.54
C VAL A 212 10.04 -1.99 26.77
N LEU A 213 9.03 -1.62 25.98
CA LEU A 213 7.72 -2.23 26.12
C LEU A 213 7.77 -3.72 25.79
N ALA A 214 8.52 -4.10 24.75
CA ALA A 214 8.65 -5.51 24.42
C ALA A 214 9.33 -6.29 25.54
N ILE A 215 10.38 -5.71 26.13
CA ILE A 215 11.06 -6.37 27.24
C ILE A 215 10.13 -6.51 28.43
N PHE A 216 9.34 -5.47 28.73
CA PHE A 216 8.40 -5.52 29.83
C PHE A 216 7.34 -6.60 29.61
N HIS A 217 6.82 -6.69 28.38
CA HIS A 217 5.82 -7.71 28.08
C HIS A 217 6.42 -9.11 28.18
N GLU A 218 7.65 -9.29 27.69
CA GLU A 218 8.29 -10.60 27.75
C GLU A 218 8.55 -11.03 29.19
N LEU A 219 9.03 -10.10 30.03
CA LEU A 219 9.39 -10.43 31.40
C LEU A 219 8.22 -10.37 32.37
N HIS A 220 7.04 -9.93 31.92
CA HIS A 220 5.84 -9.85 32.76
C HIS A 220 6.10 -8.99 34.00
N VAL A 221 6.41 -7.71 33.75
CA VAL A 221 6.66 -6.75 34.80
C VAL A 221 5.33 -6.32 35.41
N ASP A 222 5.39 -5.60 36.52
CA ASP A 222 4.17 -5.12 37.17
C ASP A 222 3.35 -4.29 36.18
N PRO A 223 2.06 -4.58 36.02
CA PRO A 223 1.28 -3.90 34.96
C PRO A 223 1.15 -2.41 35.16
N ASP A 224 1.32 -1.89 36.38
CA ASP A 224 1.13 -0.46 36.59
C ASP A 224 2.16 0.36 35.82
N LEU A 225 3.45 0.03 35.98
CA LEU A 225 4.50 0.76 35.29
C LEU A 225 4.39 0.60 33.78
N TYR A 226 4.08 -0.62 33.32
CA TYR A 226 3.92 -0.86 31.88
C TYR A 226 2.79 -0.03 31.31
N THR A 227 1.65 0.01 32.00
CA THR A 227 0.52 0.80 31.52
C THR A 227 0.85 2.30 31.53
N LEU A 228 1.52 2.77 32.56
CA LEU A 228 1.91 4.18 32.61
C LEU A 228 2.82 4.54 31.44
N LEU A 229 3.84 3.70 31.19
CA LEU A 229 4.76 3.97 30.10
C LEU A 229 4.07 3.91 28.75
N PHE A 230 3.20 2.92 28.55
CA PHE A 230 2.49 2.79 27.29
C PHE A 230 1.58 3.99 27.04
N GLY A 231 0.83 4.40 28.07
CA GLY A 231 -0.02 5.56 27.91
C GLY A 231 0.75 6.83 27.63
N GLU A 232 1.86 7.03 28.33
CA GLU A 232 2.70 8.21 28.08
C GLU A 232 3.23 8.20 26.66
N SER A 233 3.74 7.06 26.21
CA SER A 233 4.29 6.97 24.86
C SER A 233 3.21 7.17 23.80
N VAL A 234 2.01 6.68 24.05
CA VAL A 234 0.92 6.84 23.09
C VAL A 234 0.49 8.31 23.00
N LEU A 235 0.29 8.95 24.16
CA LEU A 235 -0.28 10.30 24.15
C LEU A 235 0.75 11.37 23.77
N ASN A 236 1.99 11.25 24.26
CA ASN A 236 2.95 12.32 24.06
C ASN A 236 3.36 12.44 22.60
N ASP A 237 3.25 11.36 21.82
CA ASP A 237 3.54 11.46 20.39
C ASP A 237 2.58 12.44 19.71
N ALA A 238 1.27 12.24 19.92
CA ALA A 238 0.29 13.16 19.35
C ALA A 238 0.44 14.56 19.93
N VAL A 239 0.71 14.66 21.23
CA VAL A 239 0.87 15.97 21.86
C VAL A 239 2.04 16.72 21.20
N ALA A 240 3.16 16.04 21.01
CA ALA A 240 4.33 16.67 20.40
C ALA A 240 4.07 17.02 18.94
N ILE A 241 3.36 16.16 18.21
CA ILE A 241 3.08 16.46 16.81
C ILE A 241 2.22 17.71 16.69
N VAL A 242 1.16 17.80 17.50
CA VAL A 242 0.28 18.95 17.42
C VAL A 242 1.00 20.20 17.91
N LEU A 243 1.84 20.07 18.93
CA LEU A 243 2.62 21.22 19.41
C LEU A 243 3.58 21.71 18.35
N THR A 244 4.24 20.78 17.64
CA THR A 244 5.15 21.15 16.56
C THR A 244 4.40 21.86 15.44
N TYR A 245 3.20 21.35 15.09
CA TYR A 245 2.40 22.02 14.07
C TYR A 245 2.01 23.43 14.51
N SER A 246 1.62 23.60 15.77
CA SER A 246 1.26 24.92 16.28
C SER A 246 2.45 25.86 16.27
N ILE A 247 3.63 25.36 16.64
CA ILE A 247 4.84 26.19 16.58
C ILE A 247 5.14 26.60 15.15
N SER A 248 4.99 25.68 14.21
CA SER A 248 5.19 26.01 12.80
C SER A 248 4.18 27.03 12.31
N ILE A 249 2.98 27.04 12.89
CA ILE A 249 1.99 28.04 12.52
C ILE A 249 2.41 29.43 12.96
N TYR A 250 3.07 29.54 14.12
CA TYR A 250 3.48 30.82 14.69
C TYR A 250 4.29 31.64 13.69
N SER A 251 3.77 32.81 13.33
CA SER A 251 4.42 33.71 12.40
C SER A 251 3.96 35.14 12.65
N PRO A 252 4.76 35.94 13.36
CA PRO A 252 4.37 37.33 13.62
C PRO A 252 4.26 38.13 12.34
N LYS A 253 3.32 39.09 12.34
CA LYS A 253 3.10 39.92 11.16
C LYS A 253 4.31 40.80 10.86
N GLU A 254 4.88 41.42 11.90
CA GLU A 254 6.03 42.30 11.74
C GLU A 254 7.05 41.98 12.84
N ASN A 255 8.27 42.50 12.63
CA ASN A 255 9.39 42.25 13.52
C ASN A 255 9.56 40.75 13.72
N PRO A 256 10.01 40.01 12.71
CA PRO A 256 10.03 38.55 12.80
C PRO A 256 10.91 38.07 13.95
N ASN A 257 10.52 36.91 14.51
CA ASN A 257 11.18 36.33 15.68
C ASN A 257 11.10 37.26 16.89
N ALA A 258 9.94 37.89 17.06
CA ALA A 258 9.70 38.74 18.22
C ALA A 258 9.18 37.90 19.39
N PHE A 259 9.12 38.53 20.56
CA PHE A 259 8.63 37.90 21.78
C PHE A 259 7.34 38.58 22.20
N ASP A 260 6.30 37.78 22.46
CA ASP A 260 4.99 38.27 22.88
C ASP A 260 4.42 39.27 21.87
N ALA A 261 4.22 38.76 20.65
CA ALA A 261 3.69 39.55 19.54
C ALA A 261 2.18 39.39 19.41
N ALA A 262 1.49 39.14 20.52
CA ALA A 262 0.04 38.99 20.57
C ALA A 262 -0.46 37.81 19.72
N ALA A 263 0.44 36.89 19.36
CA ALA A 263 0.07 35.71 18.58
C ALA A 263 0.10 34.43 19.41
N PHE A 264 0.49 34.51 20.68
CA PHE A 264 0.46 33.33 21.53
C PHE A 264 -0.98 32.87 21.78
N PHE A 265 -1.88 33.82 22.01
CA PHE A 265 -3.27 33.46 22.30
C PHE A 265 -3.92 32.78 21.10
N GLN A 266 -3.71 33.32 19.89
CA GLN A 266 -4.29 32.69 18.72
C GLN A 266 -3.66 31.34 18.42
N SER A 267 -2.36 31.18 18.68
CA SER A 267 -1.73 29.88 18.50
C SER A 267 -2.29 28.85 19.46
N VAL A 268 -2.49 29.22 20.72
CA VAL A 268 -3.08 28.30 21.69
C VAL A 268 -4.51 27.96 21.30
N GLY A 269 -5.26 28.96 20.83
CA GLY A 269 -6.61 28.70 20.37
C GLY A 269 -6.66 27.75 19.19
N ASN A 270 -5.74 27.92 18.24
CA ASN A 270 -5.67 27.02 17.10
C ASN A 270 -5.31 25.60 17.55
N PHE A 271 -4.36 25.48 18.48
CA PHE A 271 -4.00 24.17 19.01
C PHE A 271 -5.20 23.49 19.65
N LEU A 272 -5.92 24.20 20.52
CA LEU A 272 -7.09 23.63 21.18
C LEU A 272 -8.17 23.28 20.18
N GLY A 273 -8.40 24.14 19.19
CA GLY A 273 -9.42 23.87 18.19
C GLY A 273 -9.09 22.65 17.35
N ILE A 274 -7.83 22.51 16.94
CA ILE A 274 -7.44 21.34 16.15
C ILE A 274 -7.60 20.07 16.97
N PHE A 275 -7.15 20.09 18.23
CA PHE A 275 -7.26 18.91 19.07
C PHE A 275 -8.73 18.53 19.28
N ALA A 276 -9.57 19.52 19.59
CA ALA A 276 -10.99 19.26 19.82
C ALA A 276 -11.67 18.75 18.56
N GLY A 277 -11.34 19.33 17.40
CA GLY A 277 -11.93 18.86 16.16
C GLY A 277 -11.53 17.44 15.81
N SER A 278 -10.25 17.10 16.01
CA SER A 278 -9.81 15.74 15.76
C SER A 278 -10.51 14.76 16.70
N PHE A 279 -10.60 15.11 17.98
CA PHE A 279 -11.29 14.23 18.94
C PHE A 279 -12.75 14.06 18.57
N ALA A 280 -13.43 15.16 18.21
CA ALA A 280 -14.84 15.10 17.86
C ALA A 280 -15.06 14.26 16.61
N MET A 281 -14.21 14.43 15.60
CA MET A 281 -14.36 13.64 14.37
C MET A 281 -14.13 12.17 14.63
N GLY A 282 -13.11 11.84 15.41
CA GLY A 282 -12.87 10.44 15.75
C GLY A 282 -14.02 9.82 16.51
N SER A 283 -14.53 10.55 17.52
CA SER A 283 -15.65 10.04 18.29
C SER A 283 -16.90 9.89 17.43
N ALA A 284 -17.14 10.84 16.53
CA ALA A 284 -18.30 10.77 15.65
C ALA A 284 -18.22 9.56 14.72
N TYR A 285 -17.05 9.34 14.12
CA TYR A 285 -16.89 8.17 13.26
C TYR A 285 -17.07 6.87 14.05
N ALA A 286 -16.50 6.83 15.26
CA ALA A 286 -16.61 5.62 16.09
C ALA A 286 -18.06 5.33 16.46
N VAL A 287 -18.80 6.36 16.88
CA VAL A 287 -20.20 6.12 17.24
C VAL A 287 -21.03 5.79 16.01
N VAL A 288 -20.72 6.38 14.86
CA VAL A 288 -21.46 6.07 13.64
C VAL A 288 -21.27 4.60 13.26
N THR A 289 -20.02 4.14 13.27
CA THR A 289 -19.79 2.73 12.91
C THR A 289 -20.33 1.79 13.97
N ALA A 290 -20.29 2.17 15.25
CA ALA A 290 -20.86 1.34 16.30
C ALA A 290 -22.36 1.19 16.12
N LEU A 291 -23.06 2.30 15.84
CA LEU A 291 -24.49 2.23 15.61
C LEU A 291 -24.82 1.44 14.34
N LEU A 292 -24.01 1.61 13.30
CA LEU A 292 -24.25 0.86 12.06
C LEU A 292 -24.11 -0.63 12.29
N THR A 293 -23.08 -1.04 13.03
CA THR A 293 -22.91 -2.46 13.34
C THR A 293 -24.03 -2.96 14.26
N LYS A 294 -24.46 -2.12 15.21
CA LYS A 294 -25.51 -2.52 16.14
C LYS A 294 -26.83 -2.77 15.42
N PHE A 295 -27.20 -1.87 14.50
CA PHE A 295 -28.48 -2.00 13.81
C PHE A 295 -28.46 -3.17 12.82
N THR A 296 -27.34 -3.37 12.13
CA THR A 296 -27.25 -4.42 11.12
C THR A 296 -27.04 -5.78 11.78
N LYS A 297 -27.08 -6.83 10.96
CA LYS A 297 -26.84 -8.19 11.44
C LYS A 297 -25.67 -8.81 10.69
N LEU A 298 -24.59 -8.06 10.52
CA LEU A 298 -23.39 -8.52 9.81
C LEU A 298 -22.58 -9.54 10.59
N CYS A 299 -23.04 -10.03 11.74
CA CYS A 299 -22.29 -11.04 12.49
C CYS A 299 -22.16 -12.35 11.73
N GLU A 300 -23.00 -12.60 10.73
CA GLU A 300 -22.90 -13.81 9.91
C GLU A 300 -21.98 -13.62 8.71
N PHE A 301 -21.44 -12.42 8.50
CA PHE A 301 -20.55 -12.12 7.39
C PHE A 301 -19.30 -11.45 7.94
N PRO A 302 -18.35 -12.22 8.47
CA PRO A 302 -17.12 -11.61 9.02
C PRO A 302 -16.35 -10.79 8.01
N MET A 303 -16.28 -11.26 6.75
CA MET A 303 -15.55 -10.52 5.72
C MET A 303 -16.15 -9.15 5.48
N LEU A 304 -17.48 -9.09 5.35
CA LEU A 304 -18.14 -7.82 5.06
C LEU A 304 -17.95 -6.82 6.19
N GLU A 305 -18.14 -7.27 7.44
CA GLU A 305 -17.99 -6.35 8.56
C GLU A 305 -16.55 -5.92 8.77
N THR A 306 -15.60 -6.83 8.55
CA THR A 306 -14.19 -6.46 8.65
C THR A 306 -13.82 -5.43 7.58
N GLY A 307 -14.27 -5.64 6.35
CA GLY A 307 -14.00 -4.68 5.30
C GLY A 307 -14.65 -3.33 5.58
N LEU A 308 -15.89 -3.35 6.09
CA LEU A 308 -16.57 -2.11 6.42
C LEU A 308 -15.83 -1.37 7.54
N PHE A 309 -15.36 -2.10 8.54
CA PHE A 309 -14.59 -1.48 9.63
C PHE A 309 -13.32 -0.83 9.11
N PHE A 310 -12.57 -1.57 8.27
CA PHE A 310 -11.34 -1.01 7.72
C PHE A 310 -11.61 0.22 6.86
N LEU A 311 -12.63 0.15 6.00
CA LEU A 311 -12.96 1.28 5.15
C LEU A 311 -13.42 2.48 5.96
N LEU A 312 -14.19 2.26 7.02
CA LEU A 312 -14.64 3.36 7.87
C LEU A 312 -13.46 4.00 8.60
N SER A 313 -12.52 3.19 9.10
CA SER A 313 -11.34 3.75 9.75
C SER A 313 -10.51 4.57 8.77
N TRP A 314 -10.32 4.04 7.55
CA TRP A 314 -9.55 4.78 6.55
C TRP A 314 -10.27 6.06 6.15
N SER A 315 -11.60 6.02 6.04
CA SER A 315 -12.35 7.21 5.70
C SER A 315 -12.27 8.25 6.81
N ALA A 316 -12.28 7.82 8.07
CA ALA A 316 -12.10 8.74 9.18
C ALA A 316 -10.72 9.40 9.11
N PHE A 317 -9.69 8.62 8.83
CA PHE A 317 -8.35 9.19 8.68
C PHE A 317 -8.31 10.21 7.54
N LEU A 318 -8.91 9.86 6.40
CA LEU A 318 -8.88 10.75 5.24
C LEU A 318 -9.67 12.02 5.51
N SER A 319 -10.81 11.91 6.21
CA SER A 319 -11.59 13.09 6.56
C SER A 319 -10.82 13.99 7.52
N ALA A 320 -10.10 13.40 8.48
CA ALA A 320 -9.27 14.19 9.37
C ALA A 320 -8.17 14.91 8.60
N GLU A 321 -7.54 14.22 7.66
CA GLU A 321 -6.47 14.82 6.87
C GLU A 321 -7.00 15.95 5.98
N ALA A 322 -8.17 15.75 5.37
CA ALA A 322 -8.69 16.73 4.43
C ALA A 322 -9.26 17.96 5.14
N ALA A 323 -9.74 17.79 6.38
CA ALA A 323 -10.32 18.90 7.11
C ALA A 323 -9.29 19.94 7.54
N GLY A 324 -8.00 19.64 7.42
CA GLY A 324 -6.95 20.53 7.86
C GLY A 324 -6.45 20.27 9.26
N LEU A 325 -6.95 19.23 9.93
CA LEU A 325 -6.51 18.90 11.28
C LEU A 325 -5.35 17.92 11.20
N THR A 326 -4.95 17.37 12.34
CA THR A 326 -3.89 16.37 12.41
C THR A 326 -4.52 14.98 12.38
N GLY A 327 -4.12 14.17 11.40
CA GLY A 327 -4.70 12.85 11.26
C GLY A 327 -4.25 11.83 12.28
N ILE A 328 -3.06 12.02 12.86
CA ILE A 328 -2.52 11.02 13.79
C ILE A 328 -3.37 10.97 15.06
N VAL A 329 -3.65 12.13 15.65
CA VAL A 329 -4.42 12.17 16.90
C VAL A 329 -5.85 11.71 16.65
N ALA A 330 -6.44 12.10 15.53
CA ALA A 330 -7.79 11.65 15.20
C ALA A 330 -7.85 10.14 15.02
N VAL A 331 -6.84 9.57 14.35
CA VAL A 331 -6.79 8.12 14.18
C VAL A 331 -6.64 7.43 15.53
N LEU A 332 -5.78 7.99 16.40
CA LEU A 332 -5.59 7.39 17.72
C LEU A 332 -6.89 7.38 18.52
N PHE A 333 -7.59 8.53 18.53
CA PHE A 333 -8.85 8.60 19.27
C PHE A 333 -9.91 7.69 18.67
N CYS A 334 -9.98 7.63 17.33
CA CYS A 334 -10.93 6.73 16.69
C CYS A 334 -10.62 5.28 17.05
N GLY A 335 -9.34 4.91 17.06
CA GLY A 335 -8.98 3.54 17.40
C GLY A 335 -9.31 3.18 18.83
N VAL A 336 -9.02 4.09 19.77
CA VAL A 336 -9.31 3.78 21.17
C VAL A 336 -10.82 3.70 21.39
N THR A 337 -11.59 4.59 20.75
CA THR A 337 -13.05 4.52 20.90
C THR A 337 -13.61 3.27 20.25
N GLN A 338 -13.05 2.85 19.11
CA GLN A 338 -13.47 1.59 18.49
C GLN A 338 -13.21 0.41 19.41
N ALA A 339 -11.99 0.33 19.96
CA ALA A 339 -11.68 -0.75 20.89
C ALA A 339 -12.56 -0.71 22.12
N HIS A 340 -12.99 0.48 22.55
CA HIS A 340 -13.85 0.58 23.71
C HIS A 340 -15.27 0.10 23.41
N TYR A 341 -15.83 0.47 22.26
CA TYR A 341 -17.25 0.25 21.98
C TYR A 341 -17.52 -0.91 21.02
N THR A 342 -16.93 -0.87 19.82
CA THR A 342 -17.32 -1.80 18.77
C THR A 342 -16.80 -3.21 19.04
N TYR A 343 -15.80 -3.35 19.91
CA TYR A 343 -15.23 -4.67 20.15
C TYR A 343 -16.24 -5.62 20.77
N ASN A 344 -17.27 -5.12 21.43
CA ASN A 344 -18.28 -5.96 22.07
C ASN A 344 -19.42 -6.33 21.12
N ASN A 345 -19.43 -5.81 19.90
CA ASN A 345 -20.50 -6.08 18.96
C ASN A 345 -20.09 -6.94 17.77
N LEU A 346 -18.80 -6.99 17.44
CA LEU A 346 -18.34 -7.77 16.31
C LEU A 346 -18.40 -9.27 16.61
N SER A 347 -18.33 -10.07 15.56
CA SER A 347 -18.31 -11.51 15.72
C SER A 347 -16.96 -11.97 16.26
N LEU A 348 -16.95 -13.21 16.78
CA LEU A 348 -15.73 -13.75 17.38
C LEU A 348 -14.59 -13.87 16.38
N ASP A 349 -14.89 -14.24 15.13
CA ASP A 349 -13.85 -14.37 14.12
C ASP A 349 -13.35 -13.02 13.64
N SER A 350 -14.26 -12.04 13.51
CA SER A 350 -13.88 -10.71 13.03
C SER A 350 -12.89 -10.03 13.97
N LYS A 351 -13.06 -10.19 15.27
CA LYS A 351 -12.12 -9.60 16.22
C LYS A 351 -10.70 -10.12 15.98
N MET A 352 -10.56 -11.44 15.88
CA MET A 352 -9.26 -12.03 15.64
C MET A 352 -8.69 -11.60 14.29
N ARG A 353 -9.54 -11.57 13.26
CA ARG A 353 -9.07 -11.16 11.93
C ARG A 353 -8.53 -9.73 11.95
N THR A 354 -9.31 -8.82 12.53
CA THR A 354 -8.88 -7.41 12.58
C THR A 354 -7.62 -7.25 13.41
N LYS A 355 -7.55 -7.92 14.56
CA LYS A 355 -6.37 -7.80 15.41
C LYS A 355 -5.13 -8.32 14.70
N GLN A 356 -5.23 -9.48 14.04
CA GLN A 356 -4.09 -10.03 13.32
C GLN A 356 -3.66 -9.13 12.18
N LEU A 357 -4.64 -8.62 11.41
CA LEU A 357 -4.29 -7.74 10.29
C LEU A 357 -3.58 -6.48 10.77
N PHE A 358 -4.12 -5.85 11.83
CA PHE A 358 -3.55 -4.60 12.29
C PHE A 358 -2.18 -4.82 12.94
N GLU A 359 -2.00 -5.92 13.67
CA GLU A 359 -0.70 -6.17 14.28
C GLU A 359 0.34 -6.51 13.22
N PHE A 360 -0.05 -7.24 12.17
CA PHE A 360 0.87 -7.50 11.07
C PHE A 360 1.26 -6.22 10.35
N MET A 361 0.28 -5.35 10.10
CA MET A 361 0.59 -4.07 9.47
C MET A 361 1.51 -3.23 10.34
N ASN A 362 1.27 -3.20 11.66
CA ASN A 362 2.14 -2.45 12.56
C ASN A 362 3.56 -3.01 12.56
N PHE A 363 3.69 -4.33 12.58
CA PHE A 363 5.01 -4.95 12.56
C PHE A 363 5.75 -4.60 11.28
N LEU A 364 5.08 -4.73 10.14
CA LEU A 364 5.72 -4.41 8.86
C LEU A 364 6.11 -2.93 8.80
N ALA A 365 5.21 -2.04 9.25
CA ALA A 365 5.49 -0.62 9.20
C ALA A 365 6.66 -0.25 10.08
N GLU A 366 6.72 -0.79 11.31
CA GLU A 366 7.82 -0.43 12.20
C GLU A 366 9.13 -1.01 11.70
N ASN A 367 9.11 -2.22 11.14
CA ASN A 367 10.33 -2.79 10.57
C ASN A 367 10.84 -1.94 9.41
N VAL A 368 9.95 -1.53 8.51
CA VAL A 368 10.37 -0.68 7.38
C VAL A 368 10.89 0.65 7.89
N ILE A 369 10.21 1.24 8.89
CA ILE A 369 10.62 2.53 9.41
C ILE A 369 12.03 2.44 10.00
N PHE A 370 12.30 1.42 10.80
CA PHE A 370 13.62 1.31 11.42
C PHE A 370 14.69 0.94 10.39
N CYS A 371 14.33 0.13 9.39
CA CYS A 371 15.30 -0.19 8.34
C CYS A 371 15.68 1.06 7.55
N TYR A 372 14.71 1.93 7.25
CA TYR A 372 15.01 3.17 6.55
C TYR A 372 15.76 4.15 7.46
N MET A 373 15.44 4.17 8.75
CA MET A 373 16.15 5.03 9.68
C MET A 373 17.61 4.61 9.81
N GLY A 374 17.89 3.31 9.74
CA GLY A 374 19.27 2.85 9.77
C GLY A 374 20.09 3.31 8.59
N LEU A 375 19.44 3.72 7.50
CA LEU A 375 20.13 4.28 6.34
C LEU A 375 20.47 5.73 6.65
N ALA A 376 21.74 5.97 6.99
CA ALA A 376 22.19 7.31 7.32
C ALA A 376 23.09 7.93 6.26
N LEU A 377 23.64 7.13 5.35
CA LEU A 377 24.56 7.64 4.33
C LEU A 377 23.86 8.00 3.03
N PHE A 378 22.54 7.81 2.93
CA PHE A 378 21.84 8.10 1.70
C PHE A 378 21.64 9.60 1.46
N THR A 379 21.66 10.41 2.52
CA THR A 379 21.44 11.85 2.38
C THR A 379 22.77 12.55 2.13
N PHE A 380 22.90 13.18 0.96
CA PHE A 380 24.12 13.91 0.64
C PHE A 380 24.23 15.19 1.45
N GLN A 381 23.10 15.83 1.76
CA GLN A 381 23.09 17.11 2.47
C GLN A 381 23.08 16.91 3.99
N ASN A 382 24.01 16.10 4.48
CA ASN A 382 24.20 15.93 5.91
C ASN A 382 25.14 17.01 6.45
N HIS A 383 24.89 17.44 7.67
CA HIS A 383 25.68 18.47 8.34
C HIS A 383 26.15 17.97 9.70
N ILE A 384 26.78 16.80 9.71
CA ILE A 384 27.24 16.19 10.95
C ILE A 384 28.57 16.82 11.35
N PHE A 385 28.51 17.88 12.15
CA PHE A 385 29.67 18.56 12.69
C PHE A 385 29.23 19.27 13.96
N ASN A 386 30.11 20.12 14.51
CA ASN A 386 29.82 20.93 15.69
C ASN A 386 29.43 20.04 16.87
N ALA A 387 30.40 19.25 17.32
CA ALA A 387 30.17 18.30 18.40
C ALA A 387 29.68 18.99 19.67
N LEU A 388 29.99 20.28 19.85
CA LEU A 388 29.44 21.02 20.98
C LEU A 388 27.92 21.12 20.88
N PHE A 389 27.39 21.26 19.67
CA PHE A 389 25.94 21.29 19.49
C PHE A 389 25.32 19.95 19.88
N ILE A 390 25.94 18.85 19.49
CA ILE A 390 25.43 17.53 19.84
C ILE A 390 25.49 17.31 21.35
N LEU A 391 26.59 17.73 21.98
CA LEU A 391 26.70 17.61 23.44
C LEU A 391 25.65 18.44 24.14
N GLY A 392 25.41 19.66 23.65
CA GLY A 392 24.36 20.48 24.22
C GLY A 392 22.98 19.87 24.07
N ALA A 393 22.71 19.28 22.91
CA ALA A 393 21.43 18.60 22.71
C ALA A 393 21.28 17.42 23.66
N PHE A 394 22.35 16.65 23.86
CA PHE A 394 22.31 15.53 24.79
C PHE A 394 22.04 16.01 26.21
N LEU A 395 22.74 17.05 26.65
CA LEU A 395 22.51 17.59 27.99
C LEU A 395 21.08 18.12 28.12
N ALA A 396 20.58 18.78 27.08
CA ALA A 396 19.23 19.33 27.13
C ALA A 396 18.19 18.23 27.24
N ILE A 397 18.33 17.16 26.45
CA ILE A 397 17.33 16.08 26.52
C ILE A 397 17.44 15.36 27.85
N PHE A 398 18.66 15.19 28.37
CA PHE A 398 18.81 14.54 29.67
C PHE A 398 18.15 15.35 30.78
N VAL A 399 18.40 16.66 30.80
CA VAL A 399 17.81 17.48 31.87
C VAL A 399 16.30 17.62 31.67
N ALA A 400 15.83 17.62 30.43
CA ALA A 400 14.38 17.65 30.19
C ALA A 400 13.72 16.38 30.71
N ARG A 401 14.34 15.22 30.46
CA ARG A 401 13.81 13.98 31.01
C ARG A 401 13.86 14.00 32.53
N ALA A 402 14.93 14.54 33.11
CA ALA A 402 15.04 14.61 34.57
C ALA A 402 13.94 15.48 35.18
N CYS A 403 13.68 16.65 34.58
CA CYS A 403 12.67 17.55 35.11
C CYS A 403 11.25 17.16 34.72
N ASN A 404 11.09 16.24 33.77
CA ASN A 404 9.74 15.81 33.40
C ASN A 404 9.10 14.95 34.48
N ILE A 405 9.88 14.04 35.07
CA ILE A 405 9.31 12.99 35.92
C ILE A 405 9.19 13.45 37.37
N TYR A 406 10.33 13.77 37.99
CA TYR A 406 10.37 13.98 39.44
C TYR A 406 9.42 15.08 39.92
N PRO A 407 9.40 16.29 39.34
CA PRO A 407 8.44 17.29 39.82
C PRO A 407 7.00 16.86 39.66
N LEU A 408 6.63 16.35 38.48
CA LEU A 408 5.26 15.88 38.26
C LEU A 408 4.95 14.69 39.17
N SER A 409 5.92 13.81 39.38
CA SER A 409 5.70 12.68 40.28
C SER A 409 5.42 13.14 41.70
N PHE A 410 6.17 14.12 42.18
CA PHE A 410 5.91 14.66 43.52
C PHE A 410 4.55 15.34 43.58
N LEU A 411 4.20 16.11 42.56
CA LEU A 411 2.91 16.79 42.56
C LEU A 411 1.76 15.79 42.57
N LEU A 412 1.88 14.70 41.83
CA LEU A 412 0.88 13.64 41.87
C LEU A 412 0.87 12.94 43.23
N ASN A 413 2.06 12.72 43.80
CA ASN A 413 2.15 12.09 45.12
C ASN A 413 1.52 12.93 46.22
N LEU A 414 1.43 14.25 46.03
CA LEU A 414 0.70 15.08 46.98
C LEU A 414 -0.74 14.60 47.11
N GLY A 415 -1.53 14.74 46.03
CA GLY A 415 -2.89 14.22 46.02
C GLY A 415 -2.96 12.83 45.45
N ARG A 416 -2.12 11.93 45.96
CA ARG A 416 -2.03 10.58 45.41
C ARG A 416 -3.27 9.76 45.78
N LYS A 417 -3.62 8.84 44.89
CA LYS A 417 -4.78 7.97 45.08
C LYS A 417 -4.42 6.70 45.84
N HIS A 418 -3.77 6.87 47.00
CA HIS A 418 -3.40 5.79 47.90
C HIS A 418 -2.48 4.76 47.24
N LYS A 419 -1.83 5.12 46.13
CA LYS A 419 -0.94 4.21 45.41
C LYS A 419 0.31 5.02 45.03
N ILE A 420 1.33 4.96 45.89
CA ILE A 420 2.56 5.71 45.68
C ILE A 420 3.42 4.99 44.64
N PRO A 421 3.70 5.61 43.50
CA PRO A 421 4.59 4.99 42.49
C PRO A 421 6.06 5.36 42.73
N TRP A 422 6.62 4.87 43.83
CA TRP A 422 7.99 5.15 44.19
C TRP A 422 8.91 4.08 43.62
N ASN A 423 10.13 4.48 43.27
CA ASN A 423 11.21 3.70 42.67
C ASN A 423 10.94 3.36 41.21
N PHE A 424 9.76 3.67 40.69
CA PHE A 424 9.48 3.48 39.26
C PHE A 424 9.88 4.69 38.43
N GLN A 425 10.20 5.82 39.08
CA GLN A 425 10.61 7.00 38.33
C GLN A 425 11.97 6.82 37.68
N HIS A 426 12.87 6.07 38.31
CA HIS A 426 14.18 5.82 37.73
C HIS A 426 14.07 5.01 36.45
N MET A 427 13.16 4.02 36.42
CA MET A 427 12.95 3.24 35.20
C MET A 427 12.40 4.12 34.08
N MET A 428 11.48 5.04 34.41
CA MET A 428 10.99 5.97 33.42
C MET A 428 12.11 6.90 32.92
N MET A 429 13.03 7.27 33.82
CA MET A 429 14.20 8.02 33.39
C MET A 429 15.06 7.23 32.42
N PHE A 430 15.25 5.93 32.70
CA PHE A 430 16.08 5.11 31.82
C PHE A 430 15.41 4.91 30.47
N SER A 431 14.08 4.81 30.45
CA SER A 431 13.33 4.65 29.19
C SER A 431 13.18 6.03 28.57
N GLY A 432 14.11 6.38 27.70
CA GLY A 432 14.09 7.67 27.04
C GLY A 432 14.30 7.57 25.54
N LEU A 433 13.77 6.50 24.94
CA LEU A 433 13.92 6.28 23.52
C LEU A 433 13.17 7.33 22.72
N ARG A 434 13.66 7.59 21.51
CA ARG A 434 13.01 8.48 20.56
C ARG A 434 12.47 7.65 19.40
N GLY A 435 11.19 7.81 19.10
CA GLY A 435 10.51 6.99 18.13
C GLY A 435 10.57 7.54 16.72
N ALA A 436 9.67 7.05 15.87
CA ALA A 436 9.63 7.46 14.48
C ALA A 436 9.03 8.84 14.28
N ILE A 437 8.27 9.35 15.26
CA ILE A 437 7.66 10.66 15.13
C ILE A 437 8.71 11.75 14.99
N ALA A 438 9.74 11.70 15.82
CA ALA A 438 10.80 12.69 15.76
C ALA A 438 11.55 12.63 14.44
N PHE A 439 11.85 11.42 13.97
CA PHE A 439 12.55 11.27 12.70
C PHE A 439 11.70 11.80 11.54
N ALA A 440 10.40 11.49 11.56
CA ALA A 440 9.52 11.98 10.50
C ALA A 440 9.41 13.51 10.52
N LEU A 441 9.29 14.09 11.71
CA LEU A 441 9.22 15.55 11.81
C LEU A 441 10.52 16.20 11.34
N ALA A 442 11.67 15.60 11.67
CA ALA A 442 12.94 16.16 11.23
C ALA A 442 13.11 16.03 9.71
N ILE A 443 12.67 14.92 9.14
CA ILE A 443 12.83 14.70 7.70
C ILE A 443 11.76 15.42 6.89
N ARG A 444 10.70 15.92 7.53
CA ARG A 444 9.68 16.66 6.80
C ARG A 444 10.23 17.91 6.15
N ASP A 445 11.08 18.65 6.88
CA ASP A 445 11.65 19.90 6.40
C ASP A 445 13.09 19.67 5.96
N THR A 446 13.47 20.26 4.83
CA THR A 446 14.79 20.06 4.25
C THR A 446 15.28 21.41 3.71
N GLU A 447 16.36 21.35 2.93
CA GLU A 447 17.02 22.51 2.31
C GLU A 447 17.08 23.72 3.25
N SER A 448 17.65 23.49 4.43
CA SER A 448 17.88 24.55 5.40
C SER A 448 18.95 24.09 6.38
N GLN A 449 19.97 24.93 6.58
CA GLN A 449 21.10 24.53 7.41
C GLN A 449 20.69 24.18 8.84
N PRO A 450 19.93 25.01 9.57
CA PRO A 450 19.49 24.57 10.91
C PRO A 450 18.64 23.31 10.88
N LYS A 451 17.78 23.16 9.86
CA LYS A 451 16.98 21.95 9.76
C LYS A 451 17.85 20.72 9.54
N GLN A 452 18.84 20.82 8.66
CA GLN A 452 19.74 19.70 8.42
C GLN A 452 20.55 19.37 9.68
N MET A 453 21.03 20.39 10.39
CA MET A 453 21.79 20.15 11.61
C MET A 453 20.92 19.45 12.65
N MET A 454 19.67 19.92 12.82
CA MET A 454 18.78 19.29 13.78
C MET A 454 18.45 17.86 13.39
N PHE A 455 18.23 17.61 12.09
CA PHE A 455 17.95 16.25 11.64
C PHE A 455 19.13 15.33 11.92
N SER A 456 20.36 15.78 11.61
CA SER A 456 21.53 14.96 11.87
C SER A 456 21.71 14.70 13.36
N THR A 457 21.52 15.73 14.19
CA THR A 457 21.67 15.54 15.63
C THR A 457 20.63 14.58 16.18
N THR A 458 19.38 14.69 15.70
CA THR A 458 18.34 13.77 16.14
C THR A 458 18.64 12.35 15.71
N LEU A 459 19.13 12.16 14.48
CA LEU A 459 19.46 10.82 14.01
C LEU A 459 20.58 10.21 14.86
N LEU A 460 21.62 10.99 15.14
CA LEU A 460 22.71 10.49 15.97
C LEU A 460 22.23 10.18 17.39
N LEU A 461 21.40 11.05 17.95
CA LEU A 461 20.88 10.82 19.29
C LEU A 461 20.04 9.55 19.34
N VAL A 462 19.20 9.32 18.33
CA VAL A 462 18.40 8.10 18.28
C VAL A 462 19.31 6.88 18.19
N PHE A 463 20.30 6.93 17.29
CA PHE A 463 21.21 5.80 17.13
C PHE A 463 21.92 5.47 18.44
N PHE A 464 22.37 6.49 19.17
CA PHE A 464 23.03 6.25 20.44
C PHE A 464 22.04 5.70 21.47
N THR A 465 20.90 6.37 21.65
CA THR A 465 20.04 6.09 22.79
C THR A 465 19.33 4.75 22.66
N VAL A 466 18.83 4.41 21.46
CA VAL A 466 18.12 3.16 21.30
C VAL A 466 19.04 1.99 21.58
N TRP A 467 20.25 2.03 21.02
CA TRP A 467 21.21 0.96 21.24
C TRP A 467 21.64 0.86 22.69
N VAL A 468 21.97 2.00 23.32
CA VAL A 468 22.48 1.94 24.68
C VAL A 468 21.40 1.48 25.65
N PHE A 469 20.15 1.93 25.44
CA PHE A 469 19.08 1.52 26.35
C PHE A 469 18.64 0.09 26.10
N GLY A 470 18.66 -0.37 24.84
CA GLY A 470 18.42 -1.79 24.59
C GLY A 470 19.48 -2.67 25.23
N GLY A 471 20.73 -2.21 25.22
CA GLY A 471 21.78 -2.95 25.90
C GLY A 471 21.64 -2.96 27.41
N GLY A 472 21.27 -1.82 27.99
CA GLY A 472 21.25 -1.67 29.43
C GLY A 472 19.92 -1.80 30.14
N THR A 473 18.84 -2.15 29.43
CA THR A 473 17.54 -2.29 30.09
C THR A 473 17.56 -3.40 31.13
N THR A 474 18.10 -4.56 30.76
CA THR A 474 18.15 -5.68 31.71
C THR A 474 19.00 -5.37 32.95
N PRO A 475 20.22 -4.84 32.82
CA PRO A 475 20.94 -4.45 34.05
C PRO A 475 20.19 -3.42 34.88
N MET A 476 19.52 -2.48 34.23
CA MET A 476 18.75 -1.47 34.97
C MET A 476 17.58 -2.11 35.70
N LEU A 477 16.90 -3.06 35.05
CA LEU A 477 15.80 -3.77 35.70
C LEU A 477 16.30 -4.57 36.90
N THR A 478 17.44 -5.27 36.74
CA THR A 478 17.96 -6.07 37.84
C THR A 478 18.48 -5.22 38.99
N TRP A 479 19.04 -4.05 38.69
CA TRP A 479 19.62 -3.21 39.74
C TRP A 479 18.54 -2.57 40.61
N LEU A 480 17.39 -2.22 40.03
CA LEU A 480 16.33 -1.55 40.75
C LEU A 480 15.41 -2.51 41.50
N GLN A 481 15.67 -3.81 41.42
CA GLN A 481 14.85 -4.82 42.10
C GLN A 481 13.39 -4.74 41.66
N ILE A 482 13.18 -4.48 40.37
CA ILE A 482 11.83 -4.40 39.84
C ILE A 482 11.20 -5.77 39.80
N ARG A 483 9.99 -5.89 40.32
CA ARG A 483 9.30 -7.18 40.34
C ARG A 483 8.99 -7.65 38.93
N VAL A 484 9.29 -8.93 38.67
CA VAL A 484 9.08 -9.53 37.36
C VAL A 484 8.38 -10.86 37.53
N GLY A 485 7.81 -11.35 36.43
CA GLY A 485 7.11 -12.62 36.45
C GLY A 485 5.73 -12.60 37.06
N VAL A 486 5.17 -11.42 37.29
CA VAL A 486 3.83 -11.31 37.87
C VAL A 486 2.80 -11.55 36.79
N ASP A 487 1.91 -12.52 37.03
CA ASP A 487 0.86 -12.83 36.06
C ASP A 487 -0.17 -11.72 36.01
N LEU A 488 -0.63 -11.40 34.79
CA LEU A 488 -1.64 -10.36 34.64
C LEU A 488 -2.95 -10.75 35.29
N ASP A 489 -3.35 -12.01 35.15
CA ASP A 489 -4.59 -12.50 35.74
C ASP A 489 -4.40 -12.83 37.22
N LYS A 511 -13.77 5.77 42.33
CA LYS A 511 -14.83 6.47 43.03
C LYS A 511 -14.36 7.84 43.51
N THR A 512 -14.34 8.01 44.84
CA THR A 512 -13.88 9.28 45.41
C THR A 512 -12.41 9.53 45.11
N GLU A 513 -11.59 8.49 45.18
CA GLU A 513 -10.16 8.64 44.94
C GLU A 513 -9.86 9.07 43.51
N SER A 514 -10.70 8.67 42.56
CA SER A 514 -10.48 9.00 41.15
C SER A 514 -11.09 10.35 40.79
N ALA A 515 -10.75 11.38 41.58
CA ALA A 515 -11.10 12.77 41.30
C ALA A 515 -12.61 13.00 41.26
N TRP A 516 -13.40 11.97 41.59
CA TRP A 516 -14.85 12.06 41.68
C TRP A 516 -15.49 12.26 40.30
N LEU A 517 -14.66 12.39 39.27
CA LEU A 517 -15.15 12.59 37.91
C LEU A 517 -15.13 11.32 37.09
N PHE A 518 -14.12 10.47 37.28
CA PHE A 518 -14.05 9.21 36.55
C PHE A 518 -15.21 8.28 36.90
N ARG A 519 -15.59 8.23 38.18
CA ARG A 519 -16.74 7.41 38.57
C ARG A 519 -18.03 7.93 37.94
N MET A 520 -18.19 9.26 37.90
CA MET A 520 -19.37 9.83 37.25
C MET A 520 -19.40 9.51 35.76
N TRP A 521 -18.24 9.59 35.10
CA TRP A 521 -18.18 9.25 33.68
C TRP A 521 -18.51 7.78 33.45
N TYR A 522 -17.99 6.90 34.31
CA TYR A 522 -18.29 5.47 34.19
C TYR A 522 -19.78 5.21 34.39
N GLY A 523 -20.39 5.86 35.38
CA GLY A 523 -21.81 5.69 35.60
C GLY A 523 -22.65 6.21 34.44
N PHE A 524 -22.25 7.35 33.87
CA PHE A 524 -22.96 7.88 32.70
C PHE A 524 -22.83 6.93 31.51
N ASP A 525 -21.65 6.36 31.30
CA ASP A 525 -21.46 5.42 30.20
C ASP A 525 -22.31 4.18 30.39
N HIS A 526 -22.32 3.64 31.61
CA HIS A 526 -23.09 2.42 31.89
C HIS A 526 -24.59 2.68 32.05
N LYS A 527 -25.01 3.94 32.11
CA LYS A 527 -26.42 4.26 32.31
C LYS A 527 -27.16 4.45 31.00
N TYR A 528 -26.58 5.20 30.06
CA TYR A 528 -27.25 5.55 28.82
C TYR A 528 -26.54 5.03 27.58
N LEU A 529 -25.22 5.18 27.50
CA LEU A 529 -24.50 4.83 26.27
C LEU A 529 -24.49 3.32 26.04
N LYS A 530 -24.26 2.54 27.09
CA LYS A 530 -24.15 1.09 26.93
C LYS A 530 -25.42 0.42 26.44
N PRO A 531 -26.61 0.69 27.00
CA PRO A 531 -27.81 -0.03 26.53
C PRO A 531 -28.16 0.21 25.07
N ILE A 532 -27.77 1.34 24.50
CA ILE A 532 -28.09 1.65 23.11
C ILE A 532 -26.96 1.27 22.16
N LEU A 533 -25.71 1.52 22.55
CA LEU A 533 -24.59 1.22 21.67
C LEU A 533 -24.26 -0.28 21.64
N THR A 534 -24.54 -1.00 22.73
CA THR A 534 -24.19 -2.42 22.81
C THR A 534 -25.22 -3.10 23.70
N HIS A 535 -24.89 -4.31 24.17
CA HIS A 535 -25.65 -5.17 25.06
C HIS A 535 -26.81 -5.86 24.34
N SER A 536 -27.06 -5.56 23.06
CA SER A 536 -28.11 -6.21 22.30
C SER A 536 -27.58 -6.57 20.91
N GLY A 537 -28.18 -7.59 20.32
CA GLY A 537 -27.79 -8.04 19.01
C GLY A 537 -26.89 -9.25 19.07
N PRO A 538 -26.98 -10.12 18.06
CA PRO A 538 -26.12 -11.31 18.02
C PRO A 538 -24.66 -10.93 17.84
N PRO A 539 -23.77 -11.41 18.74
CA PRO A 539 -22.34 -11.10 18.65
C PRO A 539 -21.65 -11.86 17.52
N GLN B 10 -2.34 20.86 0.99
CA GLN B 10 -2.66 19.52 0.48
C GLN B 10 -4.12 19.45 0.06
N HIS B 11 -4.86 18.51 0.65
CA HIS B 11 -6.28 18.33 0.37
C HIS B 11 -6.54 18.03 -1.10
N GLN B 12 -5.69 17.20 -1.70
CA GLN B 12 -5.85 16.81 -3.10
C GLN B 12 -6.19 15.33 -3.23
N GLY B 13 -5.35 14.43 -2.71
CA GLY B 13 -5.65 13.01 -2.79
C GLY B 13 -6.60 12.54 -1.72
N ALA B 14 -6.69 13.28 -0.62
CA ALA B 14 -7.60 12.89 0.46
C ALA B 14 -9.05 12.91 -0.02
N VAL B 15 -9.43 13.92 -0.80
CA VAL B 15 -10.81 14.03 -1.26
C VAL B 15 -11.18 12.86 -2.16
N GLU B 16 -10.32 12.54 -3.12
CA GLU B 16 -10.62 11.46 -4.05
C GLU B 16 -10.60 10.10 -3.34
N LEU B 17 -9.67 9.91 -2.40
CA LEU B 17 -9.64 8.67 -1.65
C LEU B 17 -10.89 8.51 -0.78
N LEU B 18 -11.36 9.61 -0.17
CA LEU B 18 -12.59 9.56 0.61
C LEU B 18 -13.79 9.26 -0.28
N VAL B 19 -13.81 9.82 -1.50
CA VAL B 19 -14.89 9.51 -2.44
C VAL B 19 -14.87 8.04 -2.80
N PHE B 20 -13.68 7.48 -3.05
CA PHE B 20 -13.56 6.05 -3.34
C PHE B 20 -14.05 5.20 -2.18
N ASN B 21 -13.67 5.57 -0.95
CA ASN B 21 -14.12 4.82 0.22
C ASN B 21 -15.63 4.89 0.39
N PHE B 22 -16.21 6.07 0.17
CA PHE B 22 -17.66 6.22 0.27
C PHE B 22 -18.37 5.38 -0.78
N LEU B 23 -17.83 5.36 -2.01
CA LEU B 23 -18.41 4.53 -3.05
C LEU B 23 -18.33 3.05 -2.68
N LEU B 24 -17.21 2.62 -2.12
CA LEU B 24 -17.07 1.23 -1.71
C LEU B 24 -18.07 0.89 -0.59
N ILE B 25 -18.26 1.80 0.36
CA ILE B 25 -19.21 1.56 1.45
C ILE B 25 -20.63 1.46 0.89
N LEU B 26 -20.98 2.35 -0.05
CA LEU B 26 -22.31 2.28 -0.66
C LEU B 26 -22.50 0.99 -1.43
N THR B 27 -21.46 0.55 -2.15
CA THR B 27 -21.54 -0.71 -2.88
C THR B 27 -21.74 -1.89 -1.93
N ILE B 28 -21.01 -1.91 -0.81
CA ILE B 28 -21.17 -2.99 0.17
C ILE B 28 -22.58 -2.97 0.75
N LEU B 29 -23.10 -1.79 1.07
CA LEU B 29 -24.45 -1.70 1.63
C LEU B 29 -25.50 -2.19 0.62
N THR B 30 -25.35 -1.80 -0.65
CA THR B 30 -26.29 -2.25 -1.67
C THR B 30 -26.20 -3.76 -1.89
N ILE B 31 -24.99 -4.32 -1.85
CA ILE B 31 -24.84 -5.76 -2.00
C ILE B 31 -25.50 -6.49 -0.84
N TRP B 32 -25.32 -5.98 0.39
CA TRP B 32 -25.97 -6.59 1.55
C TRP B 32 -27.49 -6.51 1.43
N LEU B 33 -28.00 -5.37 0.96
CA LEU B 33 -29.44 -5.22 0.78
C LEU B 33 -29.97 -6.20 -0.26
N PHE B 34 -29.25 -6.37 -1.37
CA PHE B 34 -29.67 -7.29 -2.41
C PHE B 34 -29.63 -8.74 -1.91
N LYS B 35 -28.59 -9.11 -1.17
CA LYS B 35 -28.48 -10.46 -0.65
C LYS B 35 -29.51 -10.75 0.44
N ASN B 36 -29.94 -9.72 1.19
CA ASN B 36 -30.96 -9.94 2.20
C ASN B 36 -32.28 -10.37 1.58
N HIS B 37 -32.66 -9.75 0.46
CA HIS B 37 -33.89 -10.09 -0.24
C HIS B 37 -33.71 -11.20 -1.26
N ARG B 38 -32.48 -11.68 -1.45
CA ARG B 38 -32.19 -12.80 -2.36
C ARG B 38 -32.64 -12.50 -3.79
N PHE B 39 -32.58 -11.23 -4.19
CA PHE B 39 -32.94 -10.86 -5.55
C PHE B 39 -31.89 -11.33 -6.55
N ARG B 40 -30.63 -11.29 -6.16
CA ARG B 40 -29.49 -11.68 -7.02
C ARG B 40 -29.52 -10.78 -8.27
N PHE B 41 -29.19 -11.32 -9.45
CA PHE B 41 -29.18 -10.61 -10.72
C PHE B 41 -28.19 -9.44 -10.72
N LEU B 42 -27.29 -9.39 -9.74
CA LEU B 42 -26.30 -8.31 -9.66
C LEU B 42 -25.20 -8.74 -8.70
N HIS B 43 -23.96 -8.51 -9.10
CA HIS B 43 -22.79 -8.87 -8.31
C HIS B 43 -22.12 -7.61 -7.76
N GLU B 44 -21.20 -7.83 -6.81
CA GLU B 44 -20.50 -6.70 -6.21
C GLU B 44 -19.66 -5.95 -7.24
N THR B 45 -19.09 -6.66 -8.22
CA THR B 45 -18.36 -6.00 -9.29
C THR B 45 -19.29 -5.13 -10.12
N GLY B 46 -20.48 -5.65 -10.46
CA GLY B 46 -21.45 -4.84 -11.19
C GLY B 46 -21.94 -3.66 -10.39
N GLY B 47 -22.16 -3.85 -9.09
CA GLY B 47 -22.55 -2.73 -8.25
C GLY B 47 -21.49 -1.66 -8.17
N ALA B 48 -20.23 -2.06 -8.03
CA ALA B 48 -19.14 -1.09 -8.02
C ALA B 48 -19.06 -0.34 -9.34
N MET B 49 -19.19 -1.06 -10.47
CA MET B 49 -19.11 -0.40 -11.77
C MET B 49 -20.27 0.57 -11.98
N VAL B 50 -21.48 0.18 -11.60
CA VAL B 50 -22.62 1.07 -11.78
C VAL B 50 -22.52 2.27 -10.84
N TYR B 51 -22.02 2.08 -9.62
CA TYR B 51 -21.80 3.22 -8.73
C TYR B 51 -20.76 4.17 -9.28
N GLY B 52 -19.68 3.63 -9.85
CA GLY B 52 -18.69 4.49 -10.49
C GLY B 52 -19.26 5.26 -11.67
N LEU B 53 -20.10 4.59 -12.47
CA LEU B 53 -20.74 5.27 -13.59
C LEU B 53 -21.65 6.39 -13.12
N ILE B 54 -22.43 6.13 -12.06
CA ILE B 54 -23.31 7.16 -11.52
C ILE B 54 -22.50 8.33 -10.97
N MET B 55 -21.40 8.04 -10.27
CA MET B 55 -20.55 9.10 -9.75
C MET B 55 -19.96 9.94 -10.86
N GLY B 56 -19.48 9.29 -11.93
CA GLY B 56 -18.96 10.02 -13.06
C GLY B 56 -20.01 10.87 -13.75
N LEU B 57 -21.22 10.33 -13.89
CA LEU B 57 -22.30 11.09 -14.52
C LEU B 57 -22.68 12.31 -13.70
N ILE B 58 -22.76 12.16 -12.37
CA ILE B 58 -23.15 13.29 -11.53
C ILE B 58 -22.00 14.28 -11.33
N LEU B 59 -20.75 13.85 -11.54
CA LEU B 59 -19.61 14.76 -11.42
C LEU B 59 -19.37 15.54 -12.71
N ARG B 60 -19.61 14.90 -13.87
CA ARG B 60 -19.39 15.58 -15.14
C ARG B 60 -20.34 16.76 -15.32
N TYR B 61 -21.60 16.60 -14.93
CA TYR B 61 -22.62 17.61 -15.14
C TYR B 61 -22.99 18.33 -13.85
N ALA B 62 -22.01 18.60 -12.98
CA ALA B 62 -22.26 19.29 -11.72
C ALA B 62 -21.87 20.75 -11.77
N THR B 63 -20.62 21.05 -12.13
CA THR B 63 -20.15 22.43 -12.21
C THR B 63 -19.49 22.70 -13.55
N ALA B 64 -20.14 22.31 -14.65
CA ALA B 64 -19.56 22.52 -15.97
C ALA B 64 -19.28 23.98 -16.28
N PRO B 65 -20.19 24.94 -16.04
CA PRO B 65 -19.85 26.34 -16.30
C PRO B 65 -18.83 26.88 -15.31
N THR B 66 -17.61 27.16 -15.79
CA THR B 66 -16.55 27.69 -14.94
C THR B 66 -15.58 28.48 -15.82
N ASP B 67 -14.48 28.91 -15.23
CA ASP B 67 -13.49 29.69 -15.94
C ASP B 67 -12.63 28.80 -16.84
N ILE B 68 -11.89 29.43 -17.73
CA ILE B 68 -11.01 28.73 -18.67
C ILE B 68 -9.57 28.93 -18.20
N GLU B 69 -8.87 27.83 -17.98
CA GLU B 69 -7.48 27.84 -17.54
C GLU B 69 -6.60 27.32 -18.66
N SER B 70 -5.63 28.13 -19.07
CA SER B 70 -4.69 27.77 -20.12
C SER B 70 -3.27 27.90 -19.60
N GLY B 71 -2.46 26.87 -19.81
CA GLY B 71 -1.09 26.90 -19.35
C GLY B 71 -0.22 27.87 -20.13
N THR B 72 0.74 28.45 -19.42
CA THR B 72 1.66 29.39 -20.05
C THR B 72 2.68 28.65 -20.91
N VAL B 73 3.12 29.32 -21.97
CA VAL B 73 4.05 28.74 -22.94
C VAL B 73 5.34 29.55 -22.89
N TYR B 74 6.47 28.85 -22.75
CA TYR B 74 7.79 29.46 -22.70
C TYR B 74 8.62 28.96 -23.88
N ASP B 75 9.30 29.89 -24.56
CA ASP B 75 10.14 29.55 -25.70
C ASP B 75 11.52 29.17 -25.17
N CYS B 76 11.70 27.88 -24.89
CA CYS B 76 12.96 27.36 -24.36
C CYS B 76 13.89 27.05 -25.53
N GLY B 77 14.86 27.92 -25.75
CA GLY B 77 15.80 27.72 -26.84
C GLY B 77 16.76 26.60 -26.58
N LYS B 78 17.34 26.07 -27.67
CA LYS B 78 18.31 24.99 -27.63
C LYS B 78 17.76 23.76 -26.91
N LEU B 79 16.49 23.43 -27.19
CA LEU B 79 15.80 22.32 -26.54
C LEU B 79 15.21 21.44 -27.63
N ALA B 80 15.99 20.43 -28.05
CA ALA B 80 15.58 19.52 -29.11
C ALA B 80 15.12 18.16 -28.57
N PHE B 81 15.09 17.98 -27.25
CA PHE B 81 14.70 16.72 -26.64
C PHE B 81 13.99 17.01 -25.32
N SER B 82 13.23 16.01 -24.85
CA SER B 82 12.46 16.11 -23.61
C SER B 82 12.99 15.07 -22.62
N PRO B 83 13.91 15.46 -21.74
CA PRO B 83 14.40 14.52 -20.73
C PRO B 83 13.37 14.27 -19.64
N SER B 84 13.49 13.11 -18.99
CA SER B 84 12.58 12.80 -17.89
C SER B 84 12.84 13.68 -16.68
N THR B 85 14.10 13.90 -16.35
CA THR B 85 14.51 14.76 -15.25
C THR B 85 15.25 15.98 -15.81
N LEU B 86 14.91 17.16 -15.31
CA LEU B 86 15.53 18.39 -15.80
C LEU B 86 15.83 19.30 -14.62
N LEU B 87 16.82 20.16 -14.80
CA LEU B 87 17.26 21.10 -13.78
C LEU B 87 17.18 22.52 -14.34
N ILE B 88 16.32 23.35 -13.74
CA ILE B 88 16.10 24.72 -14.20
C ILE B 88 16.64 25.68 -13.16
N ASN B 89 17.40 26.68 -13.61
CA ASN B 89 18.04 27.64 -12.71
C ASN B 89 17.21 28.92 -12.68
N ILE B 90 16.51 29.15 -11.57
CA ILE B 90 15.73 30.36 -11.34
C ILE B 90 16.27 31.03 -10.08
N THR B 91 16.55 32.33 -10.19
CA THR B 91 17.04 33.14 -9.06
C THR B 91 18.27 32.50 -8.41
N ASP B 92 19.19 32.03 -9.26
CA ASP B 92 20.44 31.40 -8.80
C ASP B 92 20.19 30.17 -7.94
N GLN B 93 19.03 29.53 -8.12
CA GLN B 93 18.71 28.29 -7.42
C GLN B 93 18.23 27.26 -8.44
N VAL B 94 18.70 26.03 -8.30
CA VAL B 94 18.38 24.97 -9.24
C VAL B 94 17.20 24.18 -8.71
N TYR B 95 16.18 23.99 -9.54
CA TYR B 95 14.98 23.24 -9.20
C TYR B 95 14.85 22.05 -10.13
N GLU B 96 14.44 20.91 -9.58
CA GLU B 96 14.31 19.67 -10.33
C GLU B 96 12.86 19.53 -10.81
N TYR B 97 12.71 19.27 -12.11
CA TYR B 97 11.41 19.05 -12.74
C TYR B 97 11.37 17.63 -13.30
N LYS B 98 10.23 16.98 -13.15
CA LYS B 98 10.03 15.59 -13.58
C LYS B 98 8.98 15.55 -14.68
N TYR B 99 9.26 14.79 -15.74
CA TYR B 99 8.31 14.63 -16.82
C TYR B 99 7.30 13.53 -16.48
N LYS B 100 6.02 13.89 -16.46
CA LYS B 100 4.97 12.96 -16.05
C LYS B 100 4.20 12.38 -17.25
N ARG B 101 3.54 13.24 -18.01
CA ARG B 101 2.66 12.79 -19.09
C ARG B 101 2.67 13.82 -20.21
N GLU B 102 2.20 13.38 -21.39
CA GLU B 102 2.08 14.25 -22.54
C GLU B 102 0.60 14.53 -22.82
N ILE B 103 0.26 15.80 -22.96
CA ILE B 103 -1.09 16.23 -23.29
C ILE B 103 -1.01 17.10 -24.53
N SER B 104 -1.31 16.50 -25.69
CA SER B 104 -1.17 17.16 -26.99
C SER B 104 -2.52 17.70 -27.48
N GLN B 105 -3.35 18.19 -26.56
CA GLN B 105 -4.67 18.69 -26.91
C GLN B 105 -4.79 20.19 -26.64
N HIS B 106 -3.79 20.96 -27.07
CA HIS B 106 -3.81 22.41 -26.86
C HIS B 106 -4.98 23.07 -27.59
N ASN B 107 -5.44 22.46 -28.69
CA ASN B 107 -6.57 23.03 -29.41
C ASN B 107 -7.85 23.00 -28.59
N ILE B 108 -8.07 21.92 -27.85
CA ILE B 108 -9.29 21.75 -27.06
C ILE B 108 -9.02 22.11 -25.61
N ASN B 109 -7.85 22.71 -25.36
CA ASN B 109 -7.49 23.11 -24.00
C ASN B 109 -8.52 24.03 -23.34
N PRO B 110 -9.09 25.04 -24.00
CA PRO B 110 -10.16 25.80 -23.34
C PRO B 110 -11.36 24.95 -22.94
N HIS B 111 -11.70 23.93 -23.73
CA HIS B 111 -12.77 23.02 -23.33
C HIS B 111 -12.33 22.13 -22.18
N LEU B 112 -11.06 21.70 -22.17
CA LEU B 112 -10.55 20.89 -21.08
C LEU B 112 -10.56 21.65 -19.76
N GLY B 113 -10.25 22.94 -19.79
CA GLY B 113 -10.27 23.73 -18.58
C GLY B 113 -11.66 23.80 -17.96
N ASN B 114 -12.69 23.93 -18.80
CA ASN B 114 -14.07 23.93 -18.32
C ASN B 114 -14.45 22.54 -17.84
N ALA B 115 -15.20 22.49 -16.74
CA ALA B 115 -15.66 21.25 -16.13
C ALA B 115 -14.48 20.33 -15.77
N ILE B 116 -13.39 20.93 -15.30
CA ILE B 116 -12.23 20.15 -14.91
C ILE B 116 -12.54 19.27 -13.71
N LEU B 117 -13.23 19.82 -12.71
CA LEU B 117 -13.62 19.11 -11.50
C LEU B 117 -12.41 18.43 -10.84
N GLU B 118 -12.45 17.11 -10.74
CA GLU B 118 -11.35 16.32 -10.19
C GLU B 118 -10.96 15.26 -11.20
N LYS B 119 -9.66 15.21 -11.51
CA LYS B 119 -9.18 14.23 -12.49
C LYS B 119 -9.37 12.80 -11.99
N MET B 120 -9.01 12.55 -10.73
CA MET B 120 -9.15 11.23 -10.10
C MET B 120 -8.46 10.13 -10.91
N THR B 121 -7.44 10.48 -11.68
CA THR B 121 -6.75 9.51 -12.51
C THR B 121 -5.76 8.69 -11.70
N PHE B 122 -5.47 7.50 -12.20
CA PHE B 122 -4.49 6.61 -11.59
C PHE B 122 -3.39 6.30 -12.61
N ASP B 123 -2.17 6.13 -12.11
CA ASP B 123 -1.07 5.77 -12.97
C ASP B 123 -1.29 4.38 -13.56
N PRO B 124 -1.02 4.19 -14.86
CA PRO B 124 -1.27 2.87 -15.47
C PRO B 124 -0.47 1.74 -14.85
N GLU B 125 0.70 2.04 -14.27
CA GLU B 125 1.50 0.99 -13.64
C GLU B 125 1.00 0.63 -12.25
N ILE B 126 0.07 1.40 -11.68
CA ILE B 126 -0.53 1.04 -10.40
C ILE B 126 -1.32 -0.26 -10.53
N PHE B 127 -2.07 -0.41 -11.61
CA PHE B 127 -2.84 -1.62 -11.84
C PHE B 127 -1.97 -2.86 -12.04
N PHE B 128 -0.71 -2.68 -12.41
CA PHE B 128 0.20 -3.79 -12.67
C PHE B 128 1.15 -4.08 -11.52
N ASN B 129 1.43 -3.10 -10.67
CA ASN B 129 2.41 -3.28 -9.61
C ASN B 129 1.81 -3.56 -8.24
N VAL B 130 0.63 -3.01 -7.93
CA VAL B 130 0.06 -3.15 -6.59
C VAL B 130 -1.35 -3.71 -6.58
N LEU B 131 -2.08 -3.72 -7.70
CA LEU B 131 -3.46 -4.18 -7.71
C LEU B 131 -3.62 -5.57 -8.29
N LEU B 132 -3.12 -5.81 -9.51
CA LEU B 132 -3.23 -7.13 -10.10
C LEU B 132 -2.43 -8.19 -9.36
N PRO B 133 -1.17 -7.97 -8.96
CA PRO B 133 -0.37 -9.05 -8.35
C PRO B 133 -1.03 -9.65 -7.12
N PRO B 134 -1.66 -8.86 -6.24
CA PRO B 134 -2.40 -9.49 -5.14
C PRO B 134 -3.50 -10.43 -5.60
N ILE B 135 -4.27 -10.03 -6.62
CA ILE B 135 -5.34 -10.87 -7.14
C ILE B 135 -4.77 -12.15 -7.74
N ILE B 136 -3.68 -12.03 -8.50
CA ILE B 136 -3.06 -13.19 -9.13
C ILE B 136 -2.53 -14.15 -8.07
N PHE B 137 -1.87 -13.62 -7.04
CA PHE B 137 -1.35 -14.48 -5.97
C PHE B 137 -2.48 -15.16 -5.21
N HIS B 138 -3.58 -14.44 -4.96
CA HIS B 138 -4.72 -15.06 -4.28
C HIS B 138 -5.33 -16.17 -5.14
N ALA B 139 -5.47 -15.93 -6.44
CA ALA B 139 -6.01 -16.95 -7.33
C ALA B 139 -5.10 -18.18 -7.38
N GLY B 140 -3.79 -17.97 -7.46
CA GLY B 140 -2.88 -19.09 -7.50
C GLY B 140 -2.85 -19.86 -6.18
N TYR B 141 -2.90 -19.16 -5.06
CA TYR B 141 -2.84 -19.82 -3.76
C TYR B 141 -4.13 -20.58 -3.47
N SER B 142 -5.27 -20.06 -3.93
CA SER B 142 -6.57 -20.66 -3.66
C SER B 142 -6.83 -21.81 -4.63
N LEU B 143 -6.12 -22.91 -4.39
CA LEU B 143 -6.29 -24.14 -5.15
C LEU B 143 -7.00 -25.16 -4.27
N LYS B 144 -8.02 -25.82 -4.83
CA LYS B 144 -8.79 -26.79 -4.06
C LYS B 144 -7.95 -27.99 -3.65
N LYS B 145 -6.89 -28.29 -4.42
CA LYS B 145 -5.99 -29.42 -4.19
C LYS B 145 -6.70 -30.75 -4.40
N ARG B 146 -7.99 -30.70 -4.74
CA ARG B 146 -8.75 -31.87 -5.14
C ARG B 146 -9.24 -31.66 -6.58
N HIS B 147 -9.21 -32.74 -7.36
CA HIS B 147 -9.48 -32.67 -8.80
C HIS B 147 -8.43 -31.73 -9.41
N PHE B 148 -8.77 -31.11 -10.55
CA PHE B 148 -7.92 -30.12 -11.21
C PHE B 148 -6.64 -30.76 -11.76
N PHE B 149 -6.46 -32.05 -11.51
CA PHE B 149 -5.30 -32.81 -11.98
C PHE B 149 -5.65 -33.82 -13.06
N GLN B 150 -6.81 -34.46 -12.95
CA GLN B 150 -7.28 -35.34 -14.03
C GLN B 150 -7.66 -34.56 -15.27
N ASN B 151 -7.97 -33.26 -15.13
CA ASN B 151 -8.32 -32.40 -16.26
C ASN B 151 -7.31 -31.28 -16.44
N LEU B 152 -6.13 -31.40 -15.83
CA LEU B 152 -5.11 -30.37 -15.96
C LEU B 152 -4.62 -30.25 -17.40
N GLY B 153 -4.45 -31.39 -18.07
CA GLY B 153 -4.03 -31.35 -19.46
C GLY B 153 -5.03 -30.64 -20.35
N SER B 154 -6.33 -30.88 -20.12
CA SER B 154 -7.37 -30.19 -20.88
C SER B 154 -7.31 -28.68 -20.64
N ILE B 155 -7.11 -28.27 -19.39
CA ILE B 155 -7.01 -26.85 -19.06
C ILE B 155 -5.82 -26.23 -19.76
N LEU B 156 -4.67 -26.91 -19.74
CA LEU B 156 -3.49 -26.38 -20.42
C LEU B 156 -3.70 -26.26 -21.92
N THR B 157 -4.29 -27.30 -22.53
CA THR B 157 -4.53 -27.27 -23.97
C THR B 157 -5.48 -26.13 -24.33
N TYR B 158 -6.55 -25.95 -23.55
CA TYR B 158 -7.43 -24.81 -23.76
C TYR B 158 -6.65 -23.51 -23.68
N ALA B 159 -6.07 -23.23 -22.51
CA ALA B 159 -5.44 -21.93 -22.26
C ALA B 159 -4.30 -21.64 -23.21
N PHE B 160 -3.73 -22.66 -23.85
CA PHE B 160 -2.66 -22.40 -24.82
C PHE B 160 -3.20 -22.27 -26.25
N LEU B 161 -3.87 -23.30 -26.75
CA LEU B 161 -4.28 -23.29 -28.15
C LEU B 161 -5.44 -22.32 -28.39
N GLY B 162 -6.48 -22.36 -27.54
CA GLY B 162 -7.65 -21.55 -27.80
C GLY B 162 -7.39 -20.06 -27.71
N THR B 163 -6.51 -19.64 -26.80
CA THR B 163 -6.17 -18.22 -26.71
C THR B 163 -5.54 -17.73 -28.02
N ALA B 164 -4.60 -18.49 -28.55
CA ALA B 164 -3.96 -18.11 -29.82
C ALA B 164 -4.96 -18.14 -30.97
N ILE B 165 -5.83 -19.15 -31.00
CA ILE B 165 -6.82 -19.25 -32.07
C ILE B 165 -7.77 -18.05 -32.02
N SER B 166 -8.24 -17.71 -30.82
CA SER B 166 -9.13 -16.56 -30.67
C SER B 166 -8.42 -15.27 -31.06
N CYS B 167 -7.15 -15.12 -30.67
CA CYS B 167 -6.41 -13.93 -31.05
C CYS B 167 -6.28 -13.81 -32.56
N ILE B 168 -5.98 -14.92 -33.24
CA ILE B 168 -5.86 -14.89 -34.69
C ILE B 168 -7.19 -14.55 -35.35
N VAL B 169 -8.27 -15.16 -34.87
CA VAL B 169 -9.59 -14.91 -35.47
C VAL B 169 -9.98 -13.45 -35.27
N ILE B 170 -9.79 -12.92 -34.06
CA ILE B 170 -10.13 -11.53 -33.79
C ILE B 170 -9.29 -10.59 -34.64
N GLY B 171 -7.99 -10.88 -34.77
CA GLY B 171 -7.15 -10.03 -35.59
C GLY B 171 -7.58 -10.02 -37.04
N LEU B 172 -7.89 -11.20 -37.59
CA LEU B 172 -8.33 -11.29 -38.97
C LEU B 172 -9.65 -10.54 -39.18
N ILE B 173 -10.60 -10.70 -38.26
CA ILE B 173 -11.90 -10.05 -38.41
C ILE B 173 -11.76 -8.53 -38.27
N MET B 174 -10.92 -8.08 -37.33
CA MET B 174 -10.71 -6.64 -37.20
C MET B 174 -10.00 -6.06 -38.42
N TYR B 175 -9.06 -6.80 -39.02
CA TYR B 175 -8.44 -6.34 -40.25
C TYR B 175 -9.47 -6.24 -41.37
N GLY B 176 -10.35 -7.23 -41.47
CA GLY B 176 -11.40 -7.18 -42.47
C GLY B 176 -12.33 -6.00 -42.28
N PHE B 177 -12.70 -5.73 -41.03
CA PHE B 177 -13.58 -4.60 -40.75
C PHE B 177 -12.86 -3.26 -41.01
N VAL B 178 -11.56 -3.20 -40.75
CA VAL B 178 -10.79 -2.00 -41.09
C VAL B 178 -10.77 -1.80 -42.60
N LYS B 179 -10.59 -2.89 -43.35
CA LYS B 179 -10.65 -2.79 -44.81
C LYS B 179 -12.02 -2.32 -45.28
N ALA B 180 -13.09 -2.83 -44.66
CA ALA B 180 -14.43 -2.40 -45.02
C ALA B 180 -14.63 -0.93 -44.71
N MET B 181 -14.11 -0.46 -43.56
CA MET B 181 -14.19 0.96 -43.23
C MET B 181 -13.42 1.81 -44.23
N VAL B 182 -12.24 1.35 -44.64
CA VAL B 182 -11.47 2.07 -45.65
C VAL B 182 -12.25 2.16 -46.95
N TYR B 183 -12.93 1.07 -47.32
CA TYR B 183 -13.84 1.12 -48.47
C TYR B 183 -14.93 2.17 -48.25
N ALA B 184 -15.48 2.23 -47.04
CA ALA B 184 -16.44 3.29 -46.72
C ALA B 184 -15.76 4.64 -46.57
N GLY B 185 -14.46 4.64 -46.29
CA GLY B 185 -13.71 5.88 -46.17
C GLY B 185 -14.10 6.76 -45.00
N GLN B 186 -14.28 6.16 -43.82
CA GLN B 186 -14.59 6.97 -42.64
C GLN B 186 -13.44 7.90 -42.28
N LEU B 187 -12.20 7.41 -42.34
CA LEU B 187 -11.03 8.21 -42.02
C LEU B 187 -9.90 7.82 -42.95
N LYS B 188 -8.69 8.29 -42.62
CA LYS B 188 -7.54 8.03 -43.48
C LYS B 188 -7.18 6.55 -43.49
N ASN B 189 -6.70 6.08 -44.63
CA ASN B 189 -6.24 4.70 -44.79
C ASN B 189 -4.73 4.64 -44.63
N GLY B 190 -4.27 3.69 -43.82
CA GLY B 190 -2.84 3.53 -43.60
C GLY B 190 -2.45 3.54 -42.14
N ASP B 191 -3.23 4.25 -41.32
CA ASP B 191 -2.93 4.32 -39.90
C ASP B 191 -3.06 2.95 -39.23
N PHE B 192 -4.11 2.20 -39.56
CA PHE B 192 -4.28 0.87 -39.01
C PHE B 192 -3.35 -0.13 -39.70
N HIS B 193 -2.99 -1.18 -38.96
CA HIS B 193 -2.11 -2.21 -39.47
C HIS B 193 -2.49 -3.54 -38.86
N PHE B 194 -2.01 -4.62 -39.48
CA PHE B 194 -2.30 -5.96 -38.97
C PHE B 194 -1.69 -6.18 -37.59
N THR B 195 -0.58 -5.49 -37.28
CA THR B 195 0.00 -5.58 -35.95
C THR B 195 -0.96 -5.05 -34.90
N ASP B 196 -1.66 -3.97 -35.20
CA ASP B 196 -2.67 -3.45 -34.27
C ASP B 196 -3.81 -4.45 -34.09
N CYS B 197 -4.22 -5.12 -35.16
CA CYS B 197 -5.26 -6.14 -35.05
C CYS B 197 -4.79 -7.30 -34.17
N LEU B 198 -3.54 -7.73 -34.34
CA LEU B 198 -3.02 -8.79 -33.47
C LEU B 198 -2.94 -8.34 -32.03
N PHE B 199 -2.54 -7.09 -31.80
CA PHE B 199 -2.51 -6.55 -30.44
C PHE B 199 -3.89 -6.55 -29.82
N PHE B 200 -4.90 -6.13 -30.58
CA PHE B 200 -6.27 -6.13 -30.06
C PHE B 200 -6.75 -7.55 -29.78
N GLY B 201 -6.43 -8.49 -30.67
CA GLY B 201 -6.82 -9.87 -30.44
C GLY B 201 -6.18 -10.46 -29.20
N SER B 202 -4.90 -10.18 -28.98
CA SER B 202 -4.23 -10.63 -27.77
C SER B 202 -4.83 -9.98 -26.53
N LEU B 203 -5.16 -8.69 -26.61
CA LEU B 203 -5.75 -8.00 -25.48
C LEU B 203 -7.12 -8.58 -25.13
N MET B 204 -7.94 -8.87 -26.14
CA MET B 204 -9.27 -9.44 -25.93
C MET B 204 -9.22 -10.97 -25.89
N SER B 205 -8.39 -11.50 -25.00
CA SER B 205 -8.27 -12.95 -24.82
C SER B 205 -8.28 -13.39 -23.37
N ALA B 206 -8.16 -12.47 -22.42
CA ALA B 206 -8.17 -12.81 -21.00
C ALA B 206 -9.61 -12.77 -20.48
N THR B 207 -10.05 -13.86 -19.86
CA THR B 207 -11.40 -13.99 -19.34
C THR B 207 -11.34 -14.18 -17.83
N ASP B 208 -12.13 -13.38 -17.11
CA ASP B 208 -12.24 -13.48 -15.64
C ASP B 208 -13.71 -13.51 -15.27
N PRO B 209 -14.36 -14.67 -15.39
CA PRO B 209 -15.77 -14.77 -14.96
C PRO B 209 -15.91 -14.84 -13.45
N VAL B 210 -15.55 -13.73 -12.79
CA VAL B 210 -15.60 -13.68 -11.34
C VAL B 210 -17.02 -13.84 -10.83
N THR B 211 -17.98 -13.17 -11.47
CA THR B 211 -19.37 -13.33 -11.08
C THR B 211 -19.86 -14.75 -11.32
N VAL B 212 -19.46 -15.35 -12.46
CA VAL B 212 -19.85 -16.71 -12.76
C VAL B 212 -19.25 -17.68 -11.74
N LEU B 213 -17.98 -17.48 -11.38
CA LEU B 213 -17.36 -18.33 -10.37
C LEU B 213 -18.04 -18.18 -9.02
N ALA B 214 -18.40 -16.95 -8.65
CA ALA B 214 -19.11 -16.73 -7.38
C ALA B 214 -20.47 -17.42 -7.39
N ILE B 215 -21.20 -17.34 -8.50
CA ILE B 215 -22.49 -17.99 -8.60
C ILE B 215 -22.32 -19.52 -8.50
N PHE B 216 -21.31 -20.06 -9.19
CA PHE B 216 -21.07 -21.49 -9.13
C PHE B 216 -20.72 -21.94 -7.71
N HIS B 217 -19.89 -21.17 -7.01
CA HIS B 217 -19.55 -21.53 -5.64
C HIS B 217 -20.76 -21.44 -4.73
N GLU B 218 -21.59 -20.43 -4.91
CA GLU B 218 -22.79 -20.29 -4.08
C GLU B 218 -23.77 -21.44 -4.31
N LEU B 219 -23.97 -21.82 -5.58
CA LEU B 219 -24.95 -22.84 -5.92
C LEU B 219 -24.40 -24.26 -5.83
N HIS B 220 -23.10 -24.42 -5.58
CA HIS B 220 -22.47 -25.74 -5.46
C HIS B 220 -22.71 -26.58 -6.72
N VAL B 221 -22.19 -26.08 -7.84
CA VAL B 221 -22.29 -26.76 -9.12
C VAL B 221 -21.30 -27.91 -9.15
N ASP B 222 -21.41 -28.76 -10.17
CA ASP B 222 -20.49 -29.88 -10.31
C ASP B 222 -19.06 -29.37 -10.34
N PRO B 223 -18.15 -29.93 -9.53
CA PRO B 223 -16.80 -29.36 -9.42
C PRO B 223 -16.00 -29.43 -10.72
N ASP B 224 -16.33 -30.32 -11.65
CA ASP B 224 -15.55 -30.45 -12.87
C ASP B 224 -15.60 -29.17 -13.71
N LEU B 225 -16.81 -28.68 -13.99
CA LEU B 225 -16.95 -27.47 -14.79
C LEU B 225 -16.35 -26.26 -14.07
N TYR B 226 -16.57 -26.16 -12.76
CA TYR B 226 -16.03 -25.04 -12.00
C TYR B 226 -14.51 -25.04 -12.04
N THR B 227 -13.90 -26.21 -11.85
CA THR B 227 -12.44 -26.31 -11.91
C THR B 227 -11.92 -25.98 -13.30
N LEU B 228 -12.59 -26.48 -14.35
CA LEU B 228 -12.16 -26.16 -15.70
C LEU B 228 -12.21 -24.65 -15.97
N LEU B 229 -13.32 -24.01 -15.58
CA LEU B 229 -13.45 -22.58 -15.80
C LEU B 229 -12.43 -21.79 -15.00
N PHE B 230 -12.21 -22.18 -13.74
CA PHE B 230 -11.24 -21.47 -12.90
C PHE B 230 -9.83 -21.61 -13.47
N GLY B 231 -9.45 -22.82 -13.88
CA GLY B 231 -8.13 -23.02 -14.45
C GLY B 231 -7.94 -22.25 -15.75
N GLU B 232 -8.95 -22.26 -16.62
CA GLU B 232 -8.87 -21.50 -17.86
C GLU B 232 -8.71 -20.01 -17.58
N SER B 233 -9.54 -19.48 -16.67
CA SER B 233 -9.47 -18.06 -16.36
C SER B 233 -8.13 -17.68 -15.72
N VAL B 234 -7.57 -18.56 -14.89
CA VAL B 234 -6.29 -18.27 -14.26
C VAL B 234 -5.16 -18.28 -15.28
N LEU B 235 -5.12 -19.31 -16.13
CA LEU B 235 -3.99 -19.47 -17.03
C LEU B 235 -4.05 -18.50 -18.21
N ASN B 236 -5.22 -18.31 -18.82
CA ASN B 236 -5.31 -17.53 -20.03
C ASN B 236 -4.98 -16.07 -19.81
N ASP B 237 -5.17 -15.56 -18.59
CA ASP B 237 -4.76 -14.19 -18.29
C ASP B 237 -3.26 -14.00 -18.49
N ALA B 238 -2.46 -14.88 -17.86
CA ALA B 238 -1.01 -14.79 -18.03
C ALA B 238 -0.61 -15.08 -19.47
N VAL B 239 -1.27 -16.05 -20.10
CA VAL B 239 -0.95 -16.38 -21.49
C VAL B 239 -1.16 -15.16 -22.39
N ALA B 240 -2.29 -14.49 -22.22
CA ALA B 240 -2.61 -13.32 -23.03
C ALA B 240 -1.66 -12.16 -22.71
N ILE B 241 -1.29 -11.98 -21.44
CA ILE B 241 -0.37 -10.91 -21.09
C ILE B 241 0.98 -11.12 -21.77
N VAL B 242 1.52 -12.34 -21.69
CA VAL B 242 2.82 -12.61 -22.28
C VAL B 242 2.74 -12.53 -23.80
N LEU B 243 1.62 -13.00 -24.39
CA LEU B 243 1.46 -12.90 -25.83
C LEU B 243 1.39 -11.44 -26.27
N THR B 244 0.69 -10.60 -25.52
CA THR B 244 0.62 -9.18 -25.85
C THR B 244 1.99 -8.53 -25.75
N TYR B 245 2.76 -8.88 -24.71
CA TYR B 245 4.11 -8.35 -24.61
C TYR B 245 4.97 -8.78 -25.79
N SER B 246 4.87 -10.06 -26.19
CA SER B 246 5.64 -10.53 -27.33
C SER B 246 5.25 -9.83 -28.62
N ILE B 247 3.94 -9.59 -28.81
CA ILE B 247 3.48 -8.86 -29.98
C ILE B 247 4.03 -7.43 -29.97
N SER B 248 4.01 -6.78 -28.80
CA SER B 248 4.56 -5.44 -28.69
C SER B 248 6.06 -5.42 -28.97
N ILE B 249 6.76 -6.52 -28.66
CA ILE B 249 8.18 -6.60 -28.97
C ILE B 249 8.42 -6.61 -30.48
N TYR B 250 7.54 -7.23 -31.24
CA TYR B 250 7.68 -7.34 -32.69
C TYR B 250 7.85 -5.97 -33.33
N SER B 251 8.99 -5.77 -34.00
CA SER B 251 9.29 -4.53 -34.69
C SER B 251 10.27 -4.79 -35.82
N PRO B 252 9.81 -4.90 -37.07
CA PRO B 252 10.72 -5.16 -38.18
C PRO B 252 11.74 -4.04 -38.34
N LYS B 253 12.95 -4.43 -38.75
CA LYS B 253 14.01 -3.45 -38.96
C LYS B 253 13.69 -2.53 -40.13
N GLU B 254 13.20 -3.09 -41.24
CA GLU B 254 12.86 -2.32 -42.42
C GLU B 254 11.49 -2.75 -42.92
N ASN B 255 10.90 -1.90 -43.76
CA ASN B 255 9.56 -2.11 -44.31
C ASN B 255 8.58 -2.36 -43.17
N PRO B 256 8.27 -1.35 -42.37
CA PRO B 256 7.44 -1.57 -41.17
C PRO B 256 6.08 -2.16 -41.52
N ASN B 257 5.55 -2.96 -40.59
CA ASN B 257 4.28 -3.66 -40.75
C ASN B 257 4.34 -4.65 -41.92
N ALA B 258 5.48 -5.31 -42.06
CA ALA B 258 5.65 -6.33 -43.09
C ALA B 258 5.14 -7.69 -42.59
N PHE B 259 5.09 -8.66 -43.50
CA PHE B 259 4.66 -10.01 -43.20
C PHE B 259 5.85 -10.96 -43.39
N ASP B 260 6.10 -11.78 -42.37
CA ASP B 260 7.19 -12.76 -42.38
C ASP B 260 8.54 -12.06 -42.64
N ALA B 261 8.89 -11.18 -41.71
CA ALA B 261 10.13 -10.42 -41.76
C ALA B 261 11.26 -11.08 -40.97
N ALA B 262 11.24 -12.42 -40.87
CA ALA B 262 12.24 -13.20 -40.17
C ALA B 262 12.33 -12.86 -38.68
N ALA B 263 11.27 -12.27 -38.12
CA ALA B 263 11.24 -11.94 -36.71
C ALA B 263 10.25 -12.79 -35.93
N PHE B 264 9.45 -13.61 -36.60
CA PHE B 264 8.52 -14.49 -35.89
C PHE B 264 9.27 -15.50 -35.04
N PHE B 265 10.36 -16.07 -35.57
CA PHE B 265 11.13 -17.05 -34.82
C PHE B 265 11.73 -16.43 -33.57
N GLN B 266 12.32 -15.24 -33.68
CA GLN B 266 12.91 -14.60 -32.51
C GLN B 266 11.84 -14.15 -31.52
N SER B 267 10.67 -13.74 -32.01
CA SER B 267 9.59 -13.40 -31.10
C SER B 267 9.11 -14.62 -30.31
N VAL B 268 8.96 -15.76 -30.99
CA VAL B 268 8.57 -16.99 -30.30
C VAL B 268 9.64 -17.41 -29.30
N GLY B 269 10.91 -17.28 -29.69
CA GLY B 269 11.98 -17.61 -28.77
C GLY B 269 11.98 -16.72 -27.54
N ASN B 270 11.74 -15.41 -27.73
CA ASN B 270 11.65 -14.50 -26.60
C ASN B 270 10.48 -14.84 -25.70
N PHE B 271 9.33 -15.18 -26.30
CA PHE B 271 8.16 -15.58 -25.51
C PHE B 271 8.48 -16.80 -24.66
N LEU B 272 9.05 -17.84 -25.28
CA LEU B 272 9.38 -19.06 -24.55
C LEU B 272 10.41 -18.79 -23.46
N GLY B 273 11.42 -17.98 -23.77
CA GLY B 273 12.44 -17.68 -22.77
C GLY B 273 11.89 -16.92 -21.58
N ILE B 274 11.03 -15.93 -21.84
CA ILE B 274 10.42 -15.16 -20.75
C ILE B 274 9.56 -16.07 -19.88
N PHE B 275 8.73 -16.91 -20.52
CA PHE B 275 7.86 -17.80 -19.75
C PHE B 275 8.68 -18.78 -18.92
N ALA B 276 9.72 -19.37 -19.51
CA ALA B 276 10.55 -20.32 -18.80
C ALA B 276 11.29 -19.66 -17.65
N GLY B 277 11.81 -18.45 -17.88
CA GLY B 277 12.50 -17.74 -16.81
C GLY B 277 11.59 -17.39 -15.66
N SER B 278 10.38 -16.92 -15.97
CA SER B 278 9.43 -16.60 -14.90
C SER B 278 9.06 -17.86 -14.11
N PHE B 279 8.79 -18.97 -14.81
CA PHE B 279 8.46 -20.21 -14.12
C PHE B 279 9.63 -20.69 -13.26
N ALA B 280 10.85 -20.62 -13.78
CA ALA B 280 12.02 -21.06 -13.04
C ALA B 280 12.24 -20.21 -11.80
N MET B 281 12.11 -18.88 -11.94
CA MET B 281 12.30 -18.01 -10.79
C MET B 281 11.24 -18.26 -9.72
N GLY B 282 9.97 -18.42 -10.14
CA GLY B 282 8.93 -18.71 -9.17
C GLY B 282 9.17 -20.02 -8.44
N SER B 283 9.53 -21.06 -9.20
CA SER B 283 9.80 -22.37 -8.59
C SER B 283 11.00 -22.30 -7.65
N ALA B 284 12.04 -21.56 -8.04
CA ALA B 284 13.22 -21.42 -7.20
C ALA B 284 12.88 -20.73 -5.89
N TYR B 285 12.11 -19.63 -5.97
CA TYR B 285 11.72 -18.94 -4.74
C TYR B 285 10.86 -19.84 -3.86
N ALA B 286 9.94 -20.59 -4.47
CA ALA B 286 9.06 -21.46 -3.70
C ALA B 286 9.85 -22.56 -2.99
N VAL B 287 10.77 -23.20 -3.70
CA VAL B 287 11.56 -24.26 -3.06
C VAL B 287 12.50 -23.67 -2.02
N VAL B 288 13.02 -22.47 -2.25
CA VAL B 288 13.90 -21.84 -1.25
C VAL B 288 13.14 -21.58 0.04
N THR B 289 11.93 -20.99 -0.07
CA THR B 289 11.17 -20.72 1.14
C THR B 289 10.67 -22.01 1.79
N ALA B 290 10.35 -23.03 1.00
CA ALA B 290 9.94 -24.31 1.58
C ALA B 290 11.07 -24.94 2.37
N LEU B 291 12.29 -24.94 1.81
CA LEU B 291 13.43 -25.48 2.53
C LEU B 291 13.76 -24.65 3.77
N LEU B 292 13.65 -23.33 3.66
CA LEU B 292 13.91 -22.47 4.80
C LEU B 292 12.94 -22.74 5.94
N THR B 293 11.66 -22.89 5.62
CA THR B 293 10.67 -23.23 6.65
C THR B 293 10.92 -24.63 7.21
N LYS B 294 11.30 -25.57 6.35
CA LYS B 294 11.51 -26.95 6.79
C LYS B 294 12.67 -27.04 7.77
N PHE B 295 13.79 -26.37 7.45
CA PHE B 295 14.97 -26.44 8.32
C PHE B 295 14.75 -25.72 9.63
N THR B 296 14.08 -24.56 9.59
CA THR B 296 13.86 -23.76 10.79
C THR B 296 12.72 -24.34 11.62
N LYS B 297 12.53 -23.76 12.80
CA LYS B 297 11.43 -24.17 13.68
C LYS B 297 10.50 -23.00 13.98
N LEU B 298 10.14 -22.25 12.94
CA LEU B 298 9.27 -21.08 13.06
C LEU B 298 7.82 -21.42 13.36
N CYS B 299 7.47 -22.69 13.60
CA CYS B 299 6.09 -23.04 13.93
C CYS B 299 5.64 -22.46 15.26
N GLU B 300 6.57 -22.07 16.14
CA GLU B 300 6.22 -21.45 17.41
C GLU B 300 6.09 -19.93 17.31
N PHE B 301 6.39 -19.35 16.15
CA PHE B 301 6.30 -17.91 15.94
C PHE B 301 5.47 -17.66 14.69
N PRO B 302 4.14 -17.72 14.79
CA PRO B 302 3.30 -17.52 13.59
C PRO B 302 3.52 -16.17 12.93
N MET B 303 3.73 -15.11 13.72
CA MET B 303 3.95 -13.78 13.13
C MET B 303 5.21 -13.75 12.29
N LEU B 304 6.30 -14.32 12.81
CA LEU B 304 7.57 -14.28 12.10
C LEU B 304 7.49 -15.05 10.79
N GLU B 305 6.90 -16.24 10.81
CA GLU B 305 6.84 -17.05 9.60
C GLU B 305 5.87 -16.45 8.59
N THR B 306 4.75 -15.88 9.06
CA THR B 306 3.83 -15.22 8.14
C THR B 306 4.49 -14.01 7.47
N GLY B 307 5.20 -13.20 8.25
CA GLY B 307 5.91 -12.07 7.67
C GLY B 307 6.99 -12.50 6.70
N LEU B 308 7.72 -13.57 7.04
CA LEU B 308 8.74 -14.09 6.15
C LEU B 308 8.13 -14.59 4.84
N PHE B 309 6.99 -15.28 4.92
CA PHE B 309 6.31 -15.75 3.72
C PHE B 309 5.88 -14.57 2.84
N PHE B 310 5.28 -13.55 3.44
CA PHE B 310 4.84 -12.40 2.67
C PHE B 310 6.03 -11.69 2.03
N LEU B 311 7.10 -11.49 2.79
CA LEU B 311 8.28 -10.81 2.26
C LEU B 311 8.93 -11.62 1.14
N LEU B 312 8.96 -12.94 1.28
CA LEU B 312 9.54 -13.77 0.23
C LEU B 312 8.70 -13.73 -1.04
N SER B 313 7.37 -13.74 -0.90
CA SER B 313 6.51 -13.62 -2.08
C SER B 313 6.72 -12.28 -2.77
N TRP B 314 6.76 -11.20 -1.98
CA TRP B 314 6.97 -9.88 -2.56
C TRP B 314 8.34 -9.77 -3.23
N SER B 315 9.37 -10.37 -2.61
CA SER B 315 10.70 -10.35 -3.19
C SER B 315 10.76 -11.15 -4.48
N ALA B 316 10.03 -12.27 -4.54
CA ALA B 316 9.95 -13.03 -5.78
C ALA B 316 9.30 -12.19 -6.89
N PHE B 317 8.22 -11.49 -6.55
CA PHE B 317 7.57 -10.62 -7.53
C PHE B 317 8.53 -9.52 -8.00
N LEU B 318 9.24 -8.89 -7.06
CA LEU B 318 10.16 -7.80 -7.41
C LEU B 318 11.32 -8.31 -8.26
N SER B 319 11.83 -9.50 -7.94
CA SER B 319 12.90 -10.09 -8.74
C SER B 319 12.42 -10.41 -10.14
N ALA B 320 11.19 -10.91 -10.27
CA ALA B 320 10.63 -11.15 -11.60
C ALA B 320 10.50 -9.86 -12.38
N GLU B 321 10.07 -8.78 -11.72
CA GLU B 321 9.93 -7.50 -12.40
C GLU B 321 11.28 -6.93 -12.82
N ALA B 322 12.29 -7.04 -11.95
CA ALA B 322 13.60 -6.48 -12.25
C ALA B 322 14.36 -7.32 -13.26
N ALA B 323 14.04 -8.61 -13.38
CA ALA B 323 14.73 -9.48 -14.33
C ALA B 323 14.37 -9.18 -15.77
N GLY B 324 13.37 -8.33 -16.02
CA GLY B 324 12.91 -8.05 -17.36
C GLY B 324 11.83 -8.98 -17.86
N LEU B 325 11.40 -9.95 -17.06
CA LEU B 325 10.36 -10.88 -17.44
C LEU B 325 9.00 -10.34 -17.00
N THR B 326 7.97 -11.17 -17.09
CA THR B 326 6.63 -10.79 -16.68
C THR B 326 6.39 -11.21 -15.24
N GLY B 327 6.00 -10.26 -14.40
CA GLY B 327 5.81 -10.55 -12.99
C GLY B 327 4.53 -11.28 -12.66
N ILE B 328 3.49 -11.13 -13.49
CA ILE B 328 2.20 -11.73 -13.19
C ILE B 328 2.29 -13.25 -13.25
N VAL B 329 2.88 -13.79 -14.32
CA VAL B 329 2.98 -15.24 -14.47
C VAL B 329 3.90 -15.82 -13.40
N ALA B 330 4.99 -15.12 -13.10
CA ALA B 330 5.89 -15.59 -12.04
C ALA B 330 5.20 -15.61 -10.69
N VAL B 331 4.40 -14.57 -10.39
CA VAL B 331 3.64 -14.55 -9.14
C VAL B 331 2.64 -15.71 -9.11
N LEU B 332 1.97 -15.97 -10.23
CA LEU B 332 1.01 -17.06 -10.28
C LEU B 332 1.68 -18.40 -10.00
N PHE B 333 2.81 -18.65 -10.66
CA PHE B 333 3.53 -19.90 -10.46
C PHE B 333 4.07 -20.01 -9.04
N CYS B 334 4.60 -18.92 -8.50
CA CYS B 334 5.07 -18.93 -7.12
C CYS B 334 3.94 -19.24 -6.16
N GLY B 335 2.76 -18.65 -6.38
CA GLY B 335 1.64 -18.90 -5.50
C GLY B 335 1.15 -20.34 -5.56
N VAL B 336 1.05 -20.90 -6.77
CA VAL B 336 0.58 -22.27 -6.88
C VAL B 336 1.60 -23.24 -6.28
N THR B 337 2.89 -22.98 -6.47
CA THR B 337 3.90 -23.86 -5.88
C THR B 337 3.93 -23.73 -4.36
N GLN B 338 3.71 -22.51 -3.85
CA GLN B 338 3.62 -22.32 -2.41
C GLN B 338 2.45 -23.11 -1.84
N ALA B 339 1.27 -22.97 -2.45
CA ALA B 339 0.11 -23.72 -1.98
C ALA B 339 0.33 -25.23 -2.09
N HIS B 340 1.12 -25.67 -3.07
CA HIS B 340 1.38 -27.10 -3.22
C HIS B 340 2.32 -27.61 -2.12
N TYR B 341 3.39 -26.86 -1.82
CA TYR B 341 4.45 -27.38 -0.96
C TYR B 341 4.43 -26.81 0.45
N THR B 342 4.47 -25.48 0.59
CA THR B 342 4.71 -24.88 1.89
C THR B 342 3.46 -24.94 2.77
N TYR B 343 2.29 -25.17 2.17
CA TYR B 343 1.05 -25.22 2.94
C TYR B 343 1.06 -26.36 3.97
N ASN B 344 1.84 -27.41 3.74
CA ASN B 344 1.93 -28.53 4.65
C ASN B 344 2.98 -28.34 5.74
N ASN B 345 3.76 -27.25 5.69
CA ASN B 345 4.81 -27.02 6.66
C ASN B 345 4.51 -25.90 7.64
N LEU B 346 3.61 -24.97 7.31
CA LEU B 346 3.30 -23.88 8.21
C LEU B 346 2.47 -24.36 9.39
N SER B 347 2.42 -23.54 10.43
CA SER B 347 1.62 -23.84 11.60
C SER B 347 0.14 -23.66 11.28
N LEU B 348 -0.71 -24.24 12.14
CA LEU B 348 -2.15 -24.20 11.92
C LEU B 348 -2.69 -22.77 11.94
N ASP B 349 -2.15 -21.91 12.79
CA ASP B 349 -2.61 -20.52 12.85
C ASP B 349 -2.08 -19.71 11.68
N SER B 350 -0.84 -19.99 11.24
CA SER B 350 -0.24 -19.23 10.14
C SER B 350 -1.00 -19.46 8.84
N LYS B 351 -1.48 -20.68 8.58
CA LYS B 351 -2.27 -20.93 7.38
C LYS B 351 -3.51 -20.05 7.35
N MET B 352 -4.25 -20.02 8.46
CA MET B 352 -5.46 -19.20 8.52
C MET B 352 -5.12 -17.72 8.39
N ARG B 353 -4.05 -17.27 9.05
CA ARG B 353 -3.66 -15.86 8.96
C ARG B 353 -3.34 -15.47 7.53
N THR B 354 -2.53 -16.27 6.84
CA THR B 354 -2.15 -15.97 5.47
C THR B 354 -3.36 -15.99 4.54
N LYS B 355 -4.23 -17.00 4.71
CA LYS B 355 -5.40 -17.10 3.85
C LYS B 355 -6.33 -15.91 4.04
N GLN B 356 -6.57 -15.52 5.29
CA GLN B 356 -7.44 -14.38 5.55
C GLN B 356 -6.84 -13.09 5.02
N LEU B 357 -5.54 -12.88 5.23
CA LEU B 357 -4.90 -11.66 4.74
C LEU B 357 -4.98 -11.59 3.22
N PHE B 358 -4.67 -12.70 2.54
CA PHE B 358 -4.65 -12.67 1.08
C PHE B 358 -6.06 -12.54 0.50
N GLU B 359 -7.05 -13.18 1.12
CA GLU B 359 -8.41 -13.04 0.60
C GLU B 359 -8.94 -11.63 0.83
N PHE B 360 -8.61 -11.02 1.97
CA PHE B 360 -9.00 -9.63 2.20
C PHE B 360 -8.33 -8.70 1.20
N MET B 361 -7.04 -8.92 0.93
CA MET B 361 -6.34 -8.09 -0.06
C MET B 361 -6.96 -8.26 -1.45
N ASN B 362 -7.28 -9.51 -1.83
CA ASN B 362 -7.92 -9.75 -3.12
C ASN B 362 -9.28 -9.08 -3.21
N PHE B 363 -10.07 -9.16 -2.15
CA PHE B 363 -11.39 -8.52 -2.13
C PHE B 363 -11.25 -7.01 -2.30
N LEU B 364 -10.36 -6.39 -1.52
CA LEU B 364 -10.17 -4.95 -1.62
C LEU B 364 -9.67 -4.56 -3.00
N ALA B 365 -8.72 -5.32 -3.55
CA ALA B 365 -8.16 -4.98 -4.86
C ALA B 365 -9.22 -5.09 -5.96
N GLU B 366 -10.02 -6.16 -5.94
CA GLU B 366 -11.03 -6.32 -6.99
C GLU B 366 -12.12 -5.27 -6.85
N ASN B 367 -12.51 -4.92 -5.60
CA ASN B 367 -13.49 -3.87 -5.41
C ASN B 367 -12.99 -2.53 -5.94
N VAL B 368 -11.73 -2.20 -5.64
CA VAL B 368 -11.16 -0.94 -6.14
C VAL B 368 -11.08 -0.96 -7.66
N ILE B 369 -10.67 -2.10 -8.23
CA ILE B 369 -10.54 -2.22 -9.68
C ILE B 369 -11.88 -1.99 -10.36
N PHE B 370 -12.93 -2.64 -9.85
CA PHE B 370 -14.24 -2.52 -10.50
C PHE B 370 -14.88 -1.16 -10.22
N CYS B 371 -14.57 -0.55 -9.08
CA CYS B 371 -15.05 0.81 -8.83
C CYS B 371 -14.42 1.80 -9.79
N TYR B 372 -13.11 1.66 -10.03
CA TYR B 372 -12.43 2.56 -10.97
C TYR B 372 -12.84 2.26 -12.41
N MET B 373 -13.14 1.00 -12.72
CA MET B 373 -13.53 0.64 -14.07
C MET B 373 -14.85 1.30 -14.47
N GLY B 374 -15.78 1.43 -13.53
CA GLY B 374 -17.04 2.09 -13.81
C GLY B 374 -16.89 3.56 -14.13
N LEU B 375 -15.77 4.17 -13.78
CA LEU B 375 -15.49 5.57 -14.10
C LEU B 375 -15.13 5.63 -15.57
N ALA B 376 -16.09 6.02 -16.41
CA ALA B 376 -15.88 6.11 -17.85
C ALA B 376 -15.84 7.55 -18.37
N LEU B 377 -16.34 8.51 -17.60
CA LEU B 377 -16.37 9.90 -18.04
C LEU B 377 -15.15 10.70 -17.59
N PHE B 378 -14.23 10.11 -16.83
CA PHE B 378 -13.07 10.84 -16.36
C PHE B 378 -12.03 11.07 -17.46
N THR B 379 -12.00 10.21 -18.49
CA THR B 379 -11.03 10.34 -19.56
C THR B 379 -11.59 11.27 -20.64
N PHE B 380 -10.94 12.42 -20.81
CA PHE B 380 -11.38 13.37 -21.82
C PHE B 380 -11.09 12.87 -23.24
N GLN B 381 -10.03 12.09 -23.40
CA GLN B 381 -9.62 11.61 -24.72
C GLN B 381 -10.30 10.28 -25.07
N ASN B 382 -11.62 10.25 -24.95
CA ASN B 382 -12.41 9.12 -25.39
C ASN B 382 -12.77 9.27 -26.86
N HIS B 383 -12.84 8.13 -27.56
CA HIS B 383 -13.17 8.08 -28.97
C HIS B 383 -14.32 7.13 -29.21
N ILE B 384 -15.41 7.33 -28.47
CA ILE B 384 -16.57 6.45 -28.58
C ILE B 384 -17.41 6.87 -29.78
N PHE B 385 -17.14 6.26 -30.93
CA PHE B 385 -17.89 6.47 -32.16
C PHE B 385 -17.69 5.24 -33.03
N ASN B 386 -18.13 5.33 -34.29
CA ASN B 386 -17.95 4.27 -35.27
C ASN B 386 -18.56 2.96 -34.79
N ALA B 387 -19.89 2.99 -34.66
CA ALA B 387 -20.62 1.84 -34.13
C ALA B 387 -20.39 0.59 -34.96
N LEU B 388 -20.02 0.72 -36.24
CA LEU B 388 -19.65 -0.44 -37.03
C LEU B 388 -18.42 -1.13 -36.46
N PHE B 389 -17.46 -0.35 -35.97
CA PHE B 389 -16.28 -0.93 -35.33
C PHE B 389 -16.66 -1.72 -34.08
N ILE B 390 -17.56 -1.17 -33.27
CA ILE B 390 -17.99 -1.87 -32.06
C ILE B 390 -18.74 -3.15 -32.41
N LEU B 391 -19.61 -3.09 -33.42
CA LEU B 391 -20.33 -4.29 -33.85
C LEU B 391 -19.37 -5.34 -34.38
N GLY B 392 -18.35 -4.92 -35.15
CA GLY B 392 -17.36 -5.85 -35.62
C GLY B 392 -16.57 -6.49 -34.49
N ALA B 393 -16.22 -5.71 -33.48
CA ALA B 393 -15.53 -6.26 -32.32
C ALA B 393 -16.41 -7.27 -31.58
N PHE B 394 -17.70 -6.96 -31.44
CA PHE B 394 -18.61 -7.89 -30.79
C PHE B 394 -18.72 -9.20 -31.58
N LEU B 395 -18.88 -9.10 -32.90
CA LEU B 395 -18.95 -10.31 -33.71
C LEU B 395 -17.64 -11.10 -33.63
N ALA B 396 -16.51 -10.40 -33.63
CA ALA B 396 -15.21 -11.07 -33.56
C ALA B 396 -15.04 -11.82 -32.23
N ILE B 397 -15.41 -11.19 -31.12
CA ILE B 397 -15.24 -11.86 -29.83
C ILE B 397 -16.23 -13.03 -29.72
N PHE B 398 -17.44 -12.86 -30.26
CA PHE B 398 -18.41 -13.95 -30.23
C PHE B 398 -17.91 -15.15 -31.03
N VAL B 399 -17.40 -14.91 -32.25
CA VAL B 399 -16.94 -16.03 -33.08
C VAL B 399 -15.66 -16.62 -32.51
N ALA B 400 -14.81 -15.80 -31.88
CA ALA B 400 -13.62 -16.33 -31.23
C ALA B 400 -13.98 -17.25 -30.07
N ARG B 401 -14.96 -16.85 -29.26
CA ARG B 401 -15.45 -17.72 -28.19
C ARG B 401 -16.06 -19.00 -28.76
N ALA B 402 -16.80 -18.89 -29.87
CA ALA B 402 -17.41 -20.05 -30.48
C ALA B 402 -16.36 -21.04 -30.97
N CYS B 403 -15.31 -20.54 -31.63
CA CYS B 403 -14.28 -21.41 -32.19
C CYS B 403 -13.25 -21.83 -31.15
N ASN B 404 -13.24 -21.22 -29.97
CA ASN B 404 -12.31 -21.64 -28.93
C ASN B 404 -12.71 -22.96 -28.31
N ILE B 405 -14.01 -23.15 -28.06
CA ILE B 405 -14.48 -24.27 -27.25
C ILE B 405 -14.73 -25.51 -28.12
N TYR B 406 -15.64 -25.41 -29.08
CA TYR B 406 -16.13 -26.60 -29.78
C TYR B 406 -15.03 -27.38 -30.48
N PRO B 407 -14.13 -26.77 -31.28
CA PRO B 407 -13.07 -27.59 -31.90
C PRO B 407 -12.14 -28.23 -30.89
N LEU B 408 -11.68 -27.46 -29.89
CA LEU B 408 -10.82 -28.03 -28.87
C LEU B 408 -11.55 -29.08 -28.05
N SER B 409 -12.84 -28.84 -27.77
CA SER B 409 -13.62 -29.84 -27.04
C SER B 409 -13.72 -31.15 -27.81
N PHE B 410 -13.95 -31.07 -29.12
CA PHE B 410 -14.00 -32.28 -29.94
C PHE B 410 -12.64 -32.98 -29.98
N LEU B 411 -11.57 -32.21 -30.13
CA LEU B 411 -10.23 -32.80 -30.17
C LEU B 411 -9.90 -33.51 -28.86
N LEU B 412 -10.28 -32.91 -27.73
CA LEU B 412 -10.08 -33.58 -26.45
C LEU B 412 -10.98 -34.80 -26.32
N ASN B 413 -12.22 -34.71 -26.83
CA ASN B 413 -13.14 -35.85 -26.79
C ASN B 413 -12.64 -37.02 -27.62
N LEU B 414 -11.81 -36.78 -28.63
CA LEU B 414 -11.19 -37.88 -29.36
C LEU B 414 -10.38 -38.77 -28.42
N GLY B 415 -9.30 -38.23 -27.85
CA GLY B 415 -8.53 -38.96 -26.88
C GLY B 415 -8.96 -38.65 -25.45
N ARG B 416 -10.26 -38.75 -25.21
CA ARG B 416 -10.80 -38.37 -23.90
C ARG B 416 -10.44 -39.42 -22.84
N LYS B 417 -10.28 -38.95 -21.61
CA LYS B 417 -9.93 -39.79 -20.47
C LYS B 417 -11.17 -40.39 -19.81
N HIS B 418 -12.02 -41.02 -20.62
CA HIS B 418 -13.23 -41.72 -20.17
C HIS B 418 -14.21 -40.80 -19.44
N LYS B 419 -14.08 -39.49 -19.62
CA LYS B 419 -14.97 -38.51 -18.98
C LYS B 419 -15.34 -37.46 -20.03
N ILE B 420 -16.45 -37.68 -20.72
CA ILE B 420 -16.90 -36.78 -21.78
C ILE B 420 -17.55 -35.55 -21.15
N PRO B 421 -16.99 -34.35 -21.38
CA PRO B 421 -17.63 -33.12 -20.87
C PRO B 421 -18.63 -32.52 -21.86
N TRP B 422 -19.74 -33.22 -22.04
CA TRP B 422 -20.78 -32.80 -22.97
C TRP B 422 -21.83 -31.97 -22.23
N ASN B 423 -22.42 -31.02 -22.95
CA ASN B 423 -23.44 -30.06 -22.52
C ASN B 423 -22.87 -28.98 -21.61
N PHE B 424 -21.60 -29.08 -21.20
CA PHE B 424 -20.96 -28.02 -20.44
C PHE B 424 -20.29 -26.97 -21.33
N GLN B 425 -20.21 -27.24 -22.63
CA GLN B 425 -19.60 -26.27 -23.54
C GLN B 425 -20.47 -25.03 -23.70
N HIS B 426 -21.79 -25.19 -23.63
CA HIS B 426 -22.68 -24.04 -23.74
C HIS B 426 -22.50 -23.08 -22.57
N MET B 427 -22.31 -23.62 -21.36
CA MET B 427 -22.07 -22.76 -20.21
C MET B 427 -20.75 -22.01 -20.34
N MET B 428 -19.72 -22.68 -20.85
CA MET B 428 -18.45 -21.99 -21.10
C MET B 428 -18.61 -20.92 -22.17
N MET B 429 -19.46 -21.16 -23.17
CA MET B 429 -19.78 -20.12 -24.14
C MET B 429 -20.45 -18.93 -23.48
N PHE B 430 -21.40 -19.20 -22.58
CA PHE B 430 -22.11 -18.11 -21.91
C PHE B 430 -21.19 -17.31 -21.00
N SER B 431 -20.23 -17.99 -20.36
CA SER B 431 -19.26 -17.31 -19.50
C SER B 431 -18.16 -16.73 -20.38
N GLY B 432 -18.35 -15.47 -20.77
CA GLY B 432 -17.38 -14.79 -21.62
C GLY B 432 -16.99 -13.43 -21.10
N LEU B 433 -16.92 -13.29 -19.77
CA LEU B 433 -16.57 -12.02 -19.16
C LEU B 433 -15.12 -11.65 -19.47
N ARG B 434 -14.88 -10.34 -19.50
CA ARG B 434 -13.54 -9.78 -19.66
C ARG B 434 -13.12 -9.15 -18.34
N GLY B 435 -11.97 -9.56 -17.83
CA GLY B 435 -11.50 -9.15 -16.52
C GLY B 435 -10.70 -7.87 -16.55
N ALA B 436 -9.95 -7.64 -15.46
CA ALA B 436 -9.16 -6.43 -15.32
C ALA B 436 -7.90 -6.44 -16.17
N ILE B 437 -7.47 -7.61 -16.63
CA ILE B 437 -6.25 -7.69 -17.43
C ILE B 437 -6.41 -6.93 -18.75
N ALA B 438 -7.55 -7.11 -19.41
CA ALA B 438 -7.79 -6.41 -20.68
C ALA B 438 -7.87 -4.91 -20.47
N PHE B 439 -8.55 -4.48 -19.40
CA PHE B 439 -8.65 -3.05 -19.12
C PHE B 439 -7.29 -2.45 -18.82
N ALA B 440 -6.47 -3.16 -18.03
CA ALA B 440 -5.14 -2.66 -17.71
C ALA B 440 -4.26 -2.59 -18.96
N LEU B 441 -4.32 -3.61 -19.82
CA LEU B 441 -3.54 -3.57 -21.06
C LEU B 441 -3.99 -2.44 -21.97
N ALA B 442 -5.31 -2.18 -22.05
CA ALA B 442 -5.80 -1.10 -22.89
C ALA B 442 -5.41 0.26 -22.32
N ILE B 443 -5.43 0.42 -20.99
CA ILE B 443 -5.10 1.69 -20.38
C ILE B 443 -3.60 1.92 -20.26
N ARG B 444 -2.79 0.88 -20.48
CA ARG B 444 -1.34 1.06 -20.43
C ARG B 444 -0.86 2.03 -21.50
N ASP B 445 -1.39 1.92 -22.71
CA ASP B 445 -0.98 2.75 -23.84
C ASP B 445 -2.01 3.84 -24.07
N THR B 446 -1.54 5.06 -24.34
CA THR B 446 -2.42 6.20 -24.51
C THR B 446 -1.87 7.05 -25.66
N GLU B 447 -2.41 8.27 -25.79
CA GLU B 447 -2.06 9.25 -26.82
C GLU B 447 -1.83 8.61 -28.19
N SER B 448 -2.86 7.88 -28.63
CA SER B 448 -2.85 7.27 -29.96
C SER B 448 -4.28 6.95 -30.34
N GLN B 449 -4.69 7.38 -31.54
CA GLN B 449 -6.07 7.21 -31.96
C GLN B 449 -6.51 5.74 -31.99
N PRO B 450 -5.78 4.81 -32.64
CA PRO B 450 -6.21 3.41 -32.56
C PRO B 450 -6.22 2.87 -31.14
N LYS B 451 -5.24 3.27 -30.31
CA LYS B 451 -5.21 2.81 -28.93
C LYS B 451 -6.43 3.31 -28.16
N GLN B 452 -6.78 4.58 -28.34
CA GLN B 452 -7.96 5.13 -27.66
C GLN B 452 -9.24 4.45 -28.15
N MET B 453 -9.35 4.21 -29.45
CA MET B 453 -10.53 3.54 -29.98
C MET B 453 -10.64 2.12 -29.41
N MET B 454 -9.53 1.39 -29.35
CA MET B 454 -9.56 0.05 -28.80
C MET B 454 -9.90 0.06 -27.32
N PHE B 455 -9.37 1.02 -26.57
CA PHE B 455 -9.69 1.13 -25.16
C PHE B 455 -11.17 1.40 -24.95
N SER B 456 -11.73 2.32 -25.73
CA SER B 456 -13.16 2.63 -25.61
C SER B 456 -14.01 1.41 -25.96
N THR B 457 -13.66 0.71 -27.04
CA THR B 457 -14.43 -0.46 -27.43
C THR B 457 -14.36 -1.55 -26.38
N THR B 458 -13.16 -1.78 -25.80
CA THR B 458 -13.03 -2.77 -24.75
C THR B 458 -13.84 -2.39 -23.52
N LEU B 459 -13.82 -1.11 -23.14
CA LEU B 459 -14.60 -0.67 -21.99
C LEU B 459 -16.10 -0.89 -22.21
N LEU B 460 -16.59 -0.51 -23.40
CA LEU B 460 -17.99 -0.72 -23.71
C LEU B 460 -18.35 -2.19 -23.73
N LEU B 461 -17.48 -3.03 -24.31
CA LEU B 461 -17.74 -4.46 -24.37
C LEU B 461 -17.80 -5.06 -22.97
N VAL B 462 -16.87 -4.66 -22.09
CA VAL B 462 -16.89 -5.15 -20.71
C VAL B 462 -18.17 -4.71 -20.01
N PHE B 463 -18.53 -3.43 -20.14
CA PHE B 463 -19.73 -2.93 -19.49
C PHE B 463 -20.97 -3.69 -19.94
N PHE B 464 -21.07 -3.98 -21.24
CA PHE B 464 -22.21 -4.74 -21.74
C PHE B 464 -22.18 -6.18 -21.24
N THR B 465 -21.03 -6.86 -21.39
CA THR B 465 -21.00 -8.30 -21.21
C THR B 465 -21.11 -8.68 -19.74
N VAL B 466 -20.46 -7.94 -18.84
CA VAL B 466 -20.53 -8.29 -17.42
C VAL B 466 -21.96 -8.17 -16.92
N TRP B 467 -22.62 -7.06 -17.26
CA TRP B 467 -23.99 -6.85 -16.81
C TRP B 467 -24.94 -7.88 -17.42
N VAL B 468 -24.83 -8.13 -18.73
CA VAL B 468 -25.79 -9.04 -19.36
C VAL B 468 -25.59 -10.46 -18.86
N PHE B 469 -24.33 -10.89 -18.65
CA PHE B 469 -24.11 -12.25 -18.18
C PHE B 469 -24.43 -12.41 -16.71
N GLY B 470 -24.21 -11.37 -15.89
CA GLY B 470 -24.68 -11.43 -14.52
C GLY B 470 -26.19 -11.51 -14.44
N GLY B 471 -26.88 -10.81 -15.33
CA GLY B 471 -28.33 -10.91 -15.36
C GLY B 471 -28.82 -12.27 -15.83
N GLY B 472 -28.17 -12.84 -16.84
CA GLY B 472 -28.65 -14.06 -17.47
C GLY B 472 -28.00 -15.36 -17.06
N THR B 473 -27.09 -15.36 -16.09
CA THR B 473 -26.45 -16.60 -15.67
C THR B 473 -27.46 -17.59 -15.10
N THR B 474 -28.33 -17.11 -14.21
CA THR B 474 -29.32 -18.00 -13.59
C THR B 474 -30.29 -18.59 -14.61
N PRO B 475 -30.91 -17.82 -15.52
CA PRO B 475 -31.74 -18.47 -16.54
C PRO B 475 -30.96 -19.42 -17.42
N MET B 476 -29.71 -19.10 -17.75
CA MET B 476 -28.88 -20.00 -18.54
C MET B 476 -28.60 -21.30 -17.77
N LEU B 477 -28.32 -21.18 -16.47
CA LEU B 477 -28.10 -22.38 -15.66
C LEU B 477 -29.36 -23.24 -15.58
N THR B 478 -30.52 -22.62 -15.41
CA THR B 478 -31.76 -23.38 -15.32
C THR B 478 -32.14 -24.01 -16.64
N TRP B 479 -31.83 -23.35 -17.76
CA TRP B 479 -32.23 -23.86 -19.06
C TRP B 479 -31.42 -25.08 -19.48
N LEU B 480 -30.14 -25.12 -19.10
CA LEU B 480 -29.24 -26.20 -19.50
C LEU B 480 -29.33 -27.42 -18.59
N GLN B 481 -30.18 -27.39 -17.57
CA GLN B 481 -30.35 -28.50 -16.64
C GLN B 481 -29.03 -28.88 -15.98
N ILE B 482 -28.23 -27.86 -15.64
CA ILE B 482 -26.94 -28.10 -15.00
C ILE B 482 -27.19 -28.53 -13.55
N ARG B 483 -26.54 -29.63 -13.15
CA ARG B 483 -26.69 -30.13 -11.79
C ARG B 483 -26.14 -29.14 -10.78
N VAL B 484 -26.90 -28.89 -9.72
CA VAL B 484 -26.53 -27.94 -8.68
C VAL B 484 -26.75 -28.59 -7.32
N GLY B 485 -26.14 -27.99 -6.30
CA GLY B 485 -26.28 -28.49 -4.94
C GLY B 485 -25.47 -29.73 -4.62
N VAL B 486 -24.52 -30.09 -5.48
CA VAL B 486 -23.70 -31.27 -5.23
C VAL B 486 -22.62 -30.93 -4.22
N ASP B 487 -22.55 -31.69 -3.13
CA ASP B 487 -21.56 -31.45 -2.11
C ASP B 487 -20.17 -31.81 -2.61
N LEU B 488 -19.19 -30.98 -2.26
CA LEU B 488 -17.81 -31.25 -2.67
C LEU B 488 -17.28 -32.54 -2.03
N ASP B 489 -17.59 -32.76 -0.76
CA ASP B 489 -17.14 -33.95 -0.06
C ASP B 489 -18.03 -35.14 -0.38
N LYS B 511 -3.27 -42.35 -14.10
CA LYS B 511 -2.35 -43.42 -14.52
C LYS B 511 -2.20 -43.45 -16.03
N THR B 512 -2.64 -44.54 -16.65
CA THR B 512 -2.54 -44.67 -18.09
C THR B 512 -3.41 -43.63 -18.80
N GLU B 513 -4.61 -43.37 -18.27
CA GLU B 513 -5.53 -42.43 -18.90
C GLU B 513 -4.96 -41.01 -18.88
N SER B 514 -4.17 -40.67 -17.88
CA SER B 514 -3.62 -39.32 -17.76
C SER B 514 -2.31 -39.18 -18.54
N ALA B 515 -2.34 -39.57 -19.82
CA ALA B 515 -1.24 -39.37 -20.75
C ALA B 515 0.04 -40.09 -20.33
N TRP B 516 -0.02 -40.88 -19.25
CA TRP B 516 1.09 -41.69 -18.76
C TRP B 516 2.21 -40.82 -18.20
N LEU B 517 2.06 -39.49 -18.28
CA LEU B 517 3.07 -38.56 -17.78
C LEU B 517 2.71 -37.99 -16.43
N PHE B 518 1.41 -37.74 -16.18
CA PHE B 518 0.99 -37.21 -14.89
C PHE B 518 1.25 -38.20 -13.76
N ARG B 519 1.02 -39.49 -14.01
CA ARG B 519 1.32 -40.50 -12.99
C ARG B 519 2.81 -40.55 -12.69
N MET B 520 3.64 -40.46 -13.74
CA MET B 520 5.08 -40.44 -13.52
C MET B 520 5.52 -39.22 -12.72
N TRP B 521 4.94 -38.06 -13.03
CA TRP B 521 5.25 -36.85 -12.26
C TRP B 521 4.83 -37.00 -10.80
N TYR B 522 3.65 -37.55 -10.56
CA TYR B 522 3.18 -37.76 -9.19
C TYR B 522 4.10 -38.71 -8.44
N GLY B 523 4.52 -39.81 -9.09
CA GLY B 523 5.44 -40.74 -8.46
C GLY B 523 6.78 -40.11 -8.16
N PHE B 524 7.29 -39.29 -9.09
CA PHE B 524 8.56 -38.61 -8.86
C PHE B 524 8.44 -37.62 -7.69
N ASP B 525 7.33 -36.90 -7.61
CA ASP B 525 7.13 -35.98 -6.50
C ASP B 525 7.06 -36.72 -5.17
N HIS B 526 6.31 -37.83 -5.13
CA HIS B 526 6.17 -38.58 -3.89
C HIS B 526 7.38 -39.44 -3.57
N LYS B 527 8.33 -39.58 -4.48
CA LYS B 527 9.48 -40.44 -4.25
C LYS B 527 10.67 -39.67 -3.66
N TYR B 528 10.99 -38.50 -4.20
CA TYR B 528 12.17 -37.75 -3.78
C TYR B 528 11.84 -36.39 -3.18
N LEU B 529 10.95 -35.62 -3.82
CA LEU B 529 10.71 -34.26 -3.37
C LEU B 529 10.00 -34.22 -2.03
N LYS B 530 9.00 -35.07 -1.83
CA LYS B 530 8.21 -35.05 -0.61
C LYS B 530 9.03 -35.35 0.65
N PRO B 531 9.84 -36.41 0.72
CA PRO B 531 10.54 -36.71 1.98
C PRO B 531 11.51 -35.62 2.43
N ILE B 532 12.03 -34.81 1.52
CA ILE B 532 12.98 -33.76 1.89
C ILE B 532 12.29 -32.41 2.08
N LEU B 533 11.34 -32.07 1.22
CA LEU B 533 10.67 -30.78 1.34
C LEU B 533 9.67 -30.74 2.48
N THR B 534 9.08 -31.88 2.83
CA THR B 534 8.03 -31.93 3.85
C THR B 534 8.11 -33.29 4.54
N HIS B 535 7.04 -33.64 5.25
CA HIS B 535 6.82 -34.89 5.99
C HIS B 535 7.61 -34.94 7.30
N SER B 536 8.43 -33.94 7.60
CA SER B 536 9.17 -33.90 8.85
C SER B 536 9.12 -32.49 9.41
N GLY B 537 9.27 -32.39 10.73
CA GLY B 537 9.26 -31.12 11.41
C GLY B 537 7.93 -30.83 12.06
N PRO B 538 7.95 -30.11 13.18
CA PRO B 538 6.70 -29.76 13.87
C PRO B 538 5.86 -28.81 13.03
N PRO B 539 4.61 -29.17 12.74
CA PRO B 539 3.70 -28.33 11.94
C PRO B 539 3.19 -27.12 12.69
#